data_2PLZ
# 
_entry.id   2PLZ 
# 
_audit_conform.dict_name       mmcif_pdbx.dic 
_audit_conform.dict_version    5.398 
_audit_conform.dict_location   http://mmcif.pdb.org/dictionaries/ascii/mmcif_pdbx.dic 
# 
loop_
_database_2.database_id 
_database_2.database_code 
_database_2.pdbx_database_accession 
_database_2.pdbx_DOI 
PDB   2PLZ         pdb_00002plz 10.2210/pdb2plz/pdb 
RCSB  RCSB042522   ?            ?                   
WWPDB D_1000042522 ?            ?                   
# 
loop_
_pdbx_audit_revision_history.ordinal 
_pdbx_audit_revision_history.data_content_type 
_pdbx_audit_revision_history.major_revision 
_pdbx_audit_revision_history.minor_revision 
_pdbx_audit_revision_history.revision_date 
1 'Structure model' 1 0 2007-05-29 
2 'Structure model' 1 1 2008-05-01 
3 'Structure model' 1 2 2011-07-13 
4 'Structure model' 1 3 2021-10-20 
5 'Structure model' 1 4 2024-04-03 
6 'Structure model' 1 5 2024-10-30 
# 
_pdbx_audit_revision_details.ordinal             1 
_pdbx_audit_revision_details.revision_ordinal    1 
_pdbx_audit_revision_details.data_content_type   'Structure model' 
_pdbx_audit_revision_details.provider            repository 
_pdbx_audit_revision_details.type                'Initial release' 
_pdbx_audit_revision_details.description         ? 
_pdbx_audit_revision_details.details             ? 
# 
loop_
_pdbx_audit_revision_group.ordinal 
_pdbx_audit_revision_group.revision_ordinal 
_pdbx_audit_revision_group.data_content_type 
_pdbx_audit_revision_group.group 
1 2 'Structure model' 'Version format compliance' 
2 3 'Structure model' 'Version format compliance' 
3 4 'Structure model' 'Database references'       
4 4 'Structure model' 'Derived calculations'      
5 5 'Structure model' 'Data collection'           
6 5 'Structure model' 'Refinement description'    
7 6 'Structure model' 'Structure summary'         
# 
loop_
_pdbx_audit_revision_category.ordinal 
_pdbx_audit_revision_category.revision_ordinal 
_pdbx_audit_revision_category.data_content_type 
_pdbx_audit_revision_category.category 
1 4 'Structure model' database_2                    
2 4 'Structure model' struct_ref_seq_dif            
3 4 'Structure model' struct_site                   
4 5 'Structure model' chem_comp_atom                
5 5 'Structure model' chem_comp_bond                
6 5 'Structure model' pdbx_initial_refinement_model 
7 6 'Structure model' pdbx_entry_details            
8 6 'Structure model' pdbx_modification_feature     
# 
loop_
_pdbx_audit_revision_item.ordinal 
_pdbx_audit_revision_item.revision_ordinal 
_pdbx_audit_revision_item.data_content_type 
_pdbx_audit_revision_item.item 
1 4 'Structure model' '_database_2.pdbx_DOI'                
2 4 'Structure model' '_database_2.pdbx_database_accession' 
3 4 'Structure model' '_struct_ref_seq_dif.details'         
4 4 'Structure model' '_struct_site.pdbx_auth_asym_id'      
5 4 'Structure model' '_struct_site.pdbx_auth_comp_id'      
6 4 'Structure model' '_struct_site.pdbx_auth_seq_id'       
# 
_pdbx_database_status.status_code                     REL 
_pdbx_database_status.entry_id                        2PLZ 
_pdbx_database_status.recvd_initial_deposition_date   2007-04-20 
_pdbx_database_status.deposit_site                    RCSB 
_pdbx_database_status.process_site                    RCSB 
_pdbx_database_status.status_code_sf                  REL 
_pdbx_database_status.status_code_mr                  ? 
_pdbx_database_status.SG_entry                        ? 
_pdbx_database_status.pdb_format_compatible           Y 
_pdbx_database_status.status_code_cs                  ? 
_pdbx_database_status.status_code_nmr_data            ? 
_pdbx_database_status.methods_development_category    ? 
# 
loop_
_pdbx_database_related.db_name 
_pdbx_database_related.db_id 
_pdbx_database_related.details 
_pdbx_database_related.content_type 
PDB 2IJV 'HDB1(wt)' unspecified 
PDB 2IJU 'HBD1(wt)' unspecified 
# 
loop_
_audit_author.name 
_audit_author.pdbx_ordinal 
'Lubkowski, J.' 1 
'Pazgier, M.'   2 
'Lu, W.'        3 
# 
_citation.id                        primary 
_citation.title                     'Toward understanding the cationicity of defensins. Arg and Lys versus their noncoded analogs.' 
_citation.journal_abbrev            J.Biol.Chem. 
_citation.journal_volume            282 
_citation.page_first                19653 
_citation.page_last                 19665 
_citation.year                      2007 
_citation.journal_id_ASTM           JBCHA3 
_citation.country                   US 
_citation.journal_id_ISSN           0021-9258 
_citation.journal_id_CSD            0071 
_citation.book_publisher            ? 
_citation.pdbx_database_id_PubMed   17452329 
_citation.pdbx_database_id_DOI      10.1074/jbc.M611003200 
# 
loop_
_citation_author.citation_id 
_citation_author.name 
_citation_author.ordinal 
_citation_author.identifier_ORCID 
primary 'Zou, G.'       1 ? 
primary 'de Leeuw, E.'  2 ? 
primary 'Li, C.'        3 ? 
primary 'Pazgier, M.'   4 ? 
primary 'Li, C.'        5 ? 
primary 'Zeng, P.'      6 ? 
primary 'Lu, W.Y.'      7 ? 
primary 'Lubkowski, J.' 8 ? 
primary 'Lu, W.'        9 ? 
# 
loop_
_entity.id 
_entity.type 
_entity.src_method 
_entity.pdbx_description 
_entity.formula_weight 
_entity.pdbx_number_of_molecules 
_entity.pdbx_ec 
_entity.pdbx_mutation 
_entity.pdbx_fragment 
_entity.details 
1 polymer     man 'Beta-defensin 1' 4052.654 1  ? 'Lys22Arg, Lys31Arg, Lys33Arg, Lys36Arg' ? ? 
2 non-polymer syn 'SULFATE ION'     96.063   4  ? ?                                        ? ? 
3 water       nat water             18.015   81 ? ?                                        ? ? 
# 
_entity_name_com.entity_id   1 
_entity_name_com.name        'BD-1, Defensin, beta 1, hBD-1' 
# 
_entity_poly.entity_id                      1 
_entity_poly.type                           'polypeptide(L)' 
_entity_poly.nstd_linkage                   no 
_entity_poly.nstd_monomer                   no 
_entity_poly.pdbx_seq_one_letter_code       DHYNCVSSGGQCLYSACPIFTRIQGTCYRGRARCCR 
_entity_poly.pdbx_seq_one_letter_code_can   DHYNCVSSGGQCLYSACPIFTRIQGTCYRGRARCCR 
_entity_poly.pdbx_strand_id                 A 
_entity_poly.pdbx_target_identifier         ? 
# 
loop_
_pdbx_entity_nonpoly.entity_id 
_pdbx_entity_nonpoly.name 
_pdbx_entity_nonpoly.comp_id 
2 'SULFATE ION' SO4 
3 water         HOH 
# 
loop_
_entity_poly_seq.entity_id 
_entity_poly_seq.num 
_entity_poly_seq.mon_id 
_entity_poly_seq.hetero 
1 1  ASP n 
1 2  HIS n 
1 3  TYR n 
1 4  ASN n 
1 5  CYS n 
1 6  VAL n 
1 7  SER n 
1 8  SER n 
1 9  GLY n 
1 10 GLY n 
1 11 GLN n 
1 12 CYS n 
1 13 LEU n 
1 14 TYR n 
1 15 SER n 
1 16 ALA n 
1 17 CYS n 
1 18 PRO n 
1 19 ILE n 
1 20 PHE n 
1 21 THR n 
1 22 ARG n 
1 23 ILE n 
1 24 GLN n 
1 25 GLY n 
1 26 THR n 
1 27 CYS n 
1 28 TYR n 
1 29 ARG n 
1 30 GLY n 
1 31 ARG n 
1 32 ALA n 
1 33 ARG n 
1 34 CYS n 
1 35 CYS n 
1 36 ARG n 
# 
_entity_src_gen.entity_id                          1 
_entity_src_gen.pdbx_src_id                        1 
_entity_src_gen.pdbx_alt_source_flag               sample 
_entity_src_gen.pdbx_seq_type                      ? 
_entity_src_gen.pdbx_beg_seq_num                   ? 
_entity_src_gen.pdbx_end_seq_num                   ? 
_entity_src_gen.gene_src_common_name               human 
_entity_src_gen.gene_src_genus                     Homo 
_entity_src_gen.pdbx_gene_src_gene                 'DEFB1, BD1, HBD1' 
_entity_src_gen.gene_src_species                   ? 
_entity_src_gen.gene_src_strain                    'DEFB1, BD1, HBD1' 
_entity_src_gen.gene_src_tissue                    ? 
_entity_src_gen.gene_src_tissue_fraction           ? 
_entity_src_gen.gene_src_details                   ? 
_entity_src_gen.pdbx_gene_src_fragment             ? 
_entity_src_gen.pdbx_gene_src_scientific_name      'Homo sapiens' 
_entity_src_gen.pdbx_gene_src_ncbi_taxonomy_id     9606 
_entity_src_gen.pdbx_gene_src_variant              ? 
_entity_src_gen.pdbx_gene_src_cell_line            ? 
_entity_src_gen.pdbx_gene_src_atcc                 ? 
_entity_src_gen.pdbx_gene_src_organ                ? 
_entity_src_gen.pdbx_gene_src_organelle            ? 
_entity_src_gen.pdbx_gene_src_cell                 ? 
_entity_src_gen.pdbx_gene_src_cellular_location    ? 
_entity_src_gen.host_org_common_name               ? 
_entity_src_gen.pdbx_host_org_scientific_name      'Escherichia coli' 
_entity_src_gen.pdbx_host_org_ncbi_taxonomy_id     562 
_entity_src_gen.host_org_genus                     Escherichia 
_entity_src_gen.pdbx_host_org_gene                 ? 
_entity_src_gen.pdbx_host_org_organ                ? 
_entity_src_gen.host_org_species                   ? 
_entity_src_gen.pdbx_host_org_tissue               ? 
_entity_src_gen.pdbx_host_org_tissue_fraction      ? 
_entity_src_gen.pdbx_host_org_strain               'BL21(DE3)PLYSE' 
_entity_src_gen.pdbx_host_org_variant              ? 
_entity_src_gen.pdbx_host_org_cell_line            ? 
_entity_src_gen.pdbx_host_org_atcc                 ? 
_entity_src_gen.pdbx_host_org_culture_collection   ? 
_entity_src_gen.pdbx_host_org_cell                 ? 
_entity_src_gen.pdbx_host_org_organelle            ? 
_entity_src_gen.pdbx_host_org_cellular_location    ? 
_entity_src_gen.pdbx_host_org_vector_type          plasmid 
_entity_src_gen.pdbx_host_org_vector               ? 
_entity_src_gen.host_org_details                   ? 
_entity_src_gen.expression_system_id               ? 
_entity_src_gen.plasmid_name                       PAED4 
_entity_src_gen.plasmid_details                    ? 
_entity_src_gen.pdbx_description                   ? 
# 
loop_
_chem_comp.id 
_chem_comp.type 
_chem_comp.mon_nstd_flag 
_chem_comp.name 
_chem_comp.pdbx_synonyms 
_chem_comp.formula 
_chem_comp.formula_weight 
ALA 'L-peptide linking' y ALANINE         ? 'C3 H7 N O2'     89.093  
ARG 'L-peptide linking' y ARGININE        ? 'C6 H15 N4 O2 1' 175.209 
ASN 'L-peptide linking' y ASPARAGINE      ? 'C4 H8 N2 O3'    132.118 
ASP 'L-peptide linking' y 'ASPARTIC ACID' ? 'C4 H7 N O4'     133.103 
CYS 'L-peptide linking' y CYSTEINE        ? 'C3 H7 N O2 S'   121.158 
GLN 'L-peptide linking' y GLUTAMINE       ? 'C5 H10 N2 O3'   146.144 
GLY 'peptide linking'   y GLYCINE         ? 'C2 H5 N O2'     75.067  
HIS 'L-peptide linking' y HISTIDINE       ? 'C6 H10 N3 O2 1' 156.162 
HOH non-polymer         . WATER           ? 'H2 O'           18.015  
ILE 'L-peptide linking' y ISOLEUCINE      ? 'C6 H13 N O2'    131.173 
LEU 'L-peptide linking' y LEUCINE         ? 'C6 H13 N O2'    131.173 
LYS 'L-peptide linking' y LYSINE          ? 'C6 H15 N2 O2 1' 147.195 
PHE 'L-peptide linking' y PHENYLALANINE   ? 'C9 H11 N O2'    165.189 
PRO 'L-peptide linking' y PROLINE         ? 'C5 H9 N O2'     115.130 
SER 'L-peptide linking' y SERINE          ? 'C3 H7 N O3'     105.093 
SO4 non-polymer         . 'SULFATE ION'   ? 'O4 S -2'        96.063  
THR 'L-peptide linking' y THREONINE       ? 'C4 H9 N O3'     119.119 
TYR 'L-peptide linking' y TYROSINE        ? 'C9 H11 N O3'    181.189 
VAL 'L-peptide linking' y VALINE          ? 'C5 H11 N O2'    117.146 
# 
loop_
_pdbx_poly_seq_scheme.asym_id 
_pdbx_poly_seq_scheme.entity_id 
_pdbx_poly_seq_scheme.seq_id 
_pdbx_poly_seq_scheme.mon_id 
_pdbx_poly_seq_scheme.ndb_seq_num 
_pdbx_poly_seq_scheme.pdb_seq_num 
_pdbx_poly_seq_scheme.auth_seq_num 
_pdbx_poly_seq_scheme.pdb_mon_id 
_pdbx_poly_seq_scheme.auth_mon_id 
_pdbx_poly_seq_scheme.pdb_strand_id 
_pdbx_poly_seq_scheme.pdb_ins_code 
_pdbx_poly_seq_scheme.hetero 
A 1 1  ASP 1  1  1  ASP ASP A . n 
A 1 2  HIS 2  2  2  HIS HIS A . n 
A 1 3  TYR 3  3  3  TYR TYR A . n 
A 1 4  ASN 4  4  4  ASN ASN A . n 
A 1 5  CYS 5  5  5  CYS CYS A . n 
A 1 6  VAL 6  6  6  VAL VAL A . n 
A 1 7  SER 7  7  7  SER SER A . n 
A 1 8  SER 8  8  8  SER SER A . n 
A 1 9  GLY 9  9  9  GLY GLY A . n 
A 1 10 GLY 10 10 10 GLY GLY A . n 
A 1 11 GLN 11 11 11 GLN GLN A . n 
A 1 12 CYS 12 12 12 CYS CYS A . n 
A 1 13 LEU 13 13 13 LEU LEU A . n 
A 1 14 TYR 14 14 14 TYR TYR A . n 
A 1 15 SER 15 15 15 SER SER A . n 
A 1 16 ALA 16 16 16 ALA ALA A . n 
A 1 17 CYS 17 17 17 CYS CYS A . n 
A 1 18 PRO 18 18 18 PRO PRO A . n 
A 1 19 ILE 19 19 19 ILE ILE A . n 
A 1 20 PHE 20 20 20 PHE PHE A . n 
A 1 21 THR 21 21 21 THR THR A . n 
A 1 22 ARG 22 22 22 ARG ARG A . n 
A 1 23 ILE 23 23 23 ILE ILE A . n 
A 1 24 GLN 24 24 24 GLN GLN A . n 
A 1 25 GLY 25 25 25 GLY GLY A . n 
A 1 26 THR 26 26 26 THR THR A . n 
A 1 27 CYS 27 27 27 CYS CYS A . n 
A 1 28 TYR 28 28 28 TYR TYR A . n 
A 1 29 ARG 29 29 29 ARG ARG A . n 
A 1 30 GLY 30 30 30 GLY GLY A . n 
A 1 31 ARG 31 31 31 ARG ARG A . n 
A 1 32 ALA 32 32 32 ALA ALA A . n 
A 1 33 ARG 33 33 33 ARG ARG A . n 
A 1 34 CYS 34 34 34 CYS CYS A . n 
A 1 35 CYS 35 35 35 CYS CYS A . n 
A 1 36 ARG 36 36 36 ARG ARG A . n 
# 
loop_
_pdbx_nonpoly_scheme.asym_id 
_pdbx_nonpoly_scheme.entity_id 
_pdbx_nonpoly_scheme.mon_id 
_pdbx_nonpoly_scheme.ndb_seq_num 
_pdbx_nonpoly_scheme.pdb_seq_num 
_pdbx_nonpoly_scheme.auth_seq_num 
_pdbx_nonpoly_scheme.pdb_mon_id 
_pdbx_nonpoly_scheme.auth_mon_id 
_pdbx_nonpoly_scheme.pdb_strand_id 
_pdbx_nonpoly_scheme.pdb_ins_code 
B 2 SO4 1  91  91 SO4 SO4 A . 
C 2 SO4 1  92  92 SO4 SO4 A . 
D 2 SO4 1  93  93 SO4 SO4 A . 
E 2 SO4 1  94  94 SO4 SO4 A . 
F 3 HOH 1  95  1  HOH HOH A . 
F 3 HOH 2  96  2  HOH HOH A . 
F 3 HOH 3  97  3  HOH HOH A . 
F 3 HOH 4  98  4  HOH HOH A . 
F 3 HOH 5  99  5  HOH HOH A . 
F 3 HOH 6  100 6  HOH HOH A . 
F 3 HOH 7  101 7  HOH HOH A . 
F 3 HOH 8  102 8  HOH HOH A . 
F 3 HOH 9  103 9  HOH HOH A . 
F 3 HOH 10 104 10 HOH HOH A . 
F 3 HOH 11 105 11 HOH HOH A . 
F 3 HOH 12 106 12 HOH HOH A . 
F 3 HOH 13 107 13 HOH HOH A . 
F 3 HOH 14 108 14 HOH HOH A . 
F 3 HOH 15 109 15 HOH HOH A . 
F 3 HOH 16 110 16 HOH HOH A . 
F 3 HOH 17 111 17 HOH HOH A . 
F 3 HOH 18 112 18 HOH HOH A . 
F 3 HOH 19 113 19 HOH HOH A . 
F 3 HOH 20 114 20 HOH HOH A . 
F 3 HOH 21 115 21 HOH HOH A . 
F 3 HOH 22 116 22 HOH HOH A . 
F 3 HOH 23 117 23 HOH HOH A . 
F 3 HOH 24 118 24 HOH HOH A . 
F 3 HOH 25 119 25 HOH HOH A . 
F 3 HOH 26 120 26 HOH HOH A . 
F 3 HOH 27 121 27 HOH HOH A . 
F 3 HOH 28 122 28 HOH HOH A . 
F 3 HOH 29 123 29 HOH HOH A . 
F 3 HOH 30 124 30 HOH HOH A . 
F 3 HOH 31 125 31 HOH HOH A . 
F 3 HOH 32 126 32 HOH HOH A . 
F 3 HOH 33 127 33 HOH HOH A . 
F 3 HOH 34 128 34 HOH HOH A . 
F 3 HOH 35 129 35 HOH HOH A . 
F 3 HOH 36 130 36 HOH HOH A . 
F 3 HOH 37 131 37 HOH HOH A . 
F 3 HOH 38 132 38 HOH HOH A . 
F 3 HOH 39 133 39 HOH HOH A . 
F 3 HOH 40 134 40 HOH HOH A . 
F 3 HOH 41 135 41 HOH HOH A . 
F 3 HOH 42 136 42 HOH HOH A . 
F 3 HOH 43 137 43 HOH HOH A . 
F 3 HOH 44 138 44 HOH HOH A . 
F 3 HOH 45 139 45 HOH HOH A . 
F 3 HOH 46 140 46 HOH HOH A . 
F 3 HOH 47 141 47 HOH HOH A . 
F 3 HOH 48 142 48 HOH HOH A . 
F 3 HOH 49 143 49 HOH HOH A . 
F 3 HOH 50 144 50 HOH HOH A . 
F 3 HOH 51 145 51 HOH HOH A . 
F 3 HOH 52 146 52 HOH HOH A . 
F 3 HOH 53 147 53 HOH HOH A . 
F 3 HOH 54 148 54 HOH HOH A . 
F 3 HOH 55 149 55 HOH HOH A . 
F 3 HOH 56 150 56 HOH HOH A . 
F 3 HOH 57 151 57 HOH HOH A . 
F 3 HOH 58 152 58 HOH HOH A . 
F 3 HOH 59 153 59 HOH HOH A . 
F 3 HOH 60 154 60 HOH HOH A . 
F 3 HOH 61 155 61 HOH HOH A . 
F 3 HOH 62 156 62 HOH HOH A . 
F 3 HOH 63 157 63 HOH HOH A . 
F 3 HOH 64 158 64 HOH HOH A . 
F 3 HOH 65 159 65 HOH HOH A . 
F 3 HOH 66 160 66 HOH HOH A . 
F 3 HOH 67 161 67 HOH HOH A . 
F 3 HOH 68 162 68 HOH HOH A . 
F 3 HOH 69 163 69 HOH HOH A . 
F 3 HOH 70 164 70 HOH HOH A . 
F 3 HOH 71 165 71 HOH HOH A . 
F 3 HOH 72 166 72 HOH HOH A . 
F 3 HOH 73 167 73 HOH HOH A . 
F 3 HOH 74 168 74 HOH HOH A . 
F 3 HOH 75 169 75 HOH HOH A . 
F 3 HOH 76 170 76 HOH HOH A . 
F 3 HOH 77 171 77 HOH HOH A . 
F 3 HOH 78 172 78 HOH HOH A . 
F 3 HOH 79 173 79 HOH HOH A . 
F 3 HOH 80 174 80 HOH HOH A . 
F 3 HOH 81 175 81 HOH HOH A . 
# 
loop_
_software.name 
_software.classification 
_software.version 
_software.citation_id 
_software.pdbx_ordinal 
REFMAC   refinement        5.2.0005 ? 1 
HKL-2000 'data collection' .        ? 2 
HKL-2000 'data reduction'  .        ? 3 
HKL-2000 'data scaling'    .        ? 4 
PHASER   phasing           .        ? 5 
# 
_cell.entry_id           2PLZ 
_cell.length_a           20.366 
_cell.length_b           27.408 
_cell.length_c           55.079 
_cell.angle_alpha        90.00 
_cell.angle_beta         90.00 
_cell.angle_gamma        90.00 
_cell.Z_PDB              4 
_cell.pdbx_unique_axis   ? 
_cell.length_a_esd       ? 
_cell.length_b_esd       ? 
_cell.length_c_esd       ? 
_cell.angle_alpha_esd    ? 
_cell.angle_beta_esd     ? 
_cell.angle_gamma_esd    ? 
# 
_symmetry.entry_id                         2PLZ 
_symmetry.space_group_name_H-M             'P 21 21 21' 
_symmetry.pdbx_full_space_group_name_H-M   ? 
_symmetry.cell_setting                     ? 
_symmetry.Int_Tables_number                19 
_symmetry.space_group_name_Hall            ? 
# 
_exptl.entry_id          2PLZ 
_exptl.method            'X-RAY DIFFRACTION' 
_exptl.crystals_number   1 
# 
_exptl_crystal.id                    1 
_exptl_crystal.density_meas          ? 
_exptl_crystal.density_Matthews      1.90 
_exptl_crystal.density_percent_sol   35.13 
_exptl_crystal.description           ? 
_exptl_crystal.F_000                 ? 
_exptl_crystal.preparation           ? 
# 
_exptl_crystal_grow.crystal_id      1 
_exptl_crystal_grow.method          'VAPOR DIFFUSION, HANGING DROP' 
_exptl_crystal_grow.temp            293 
_exptl_crystal_grow.temp_details    ? 
_exptl_crystal_grow.pH              7.0 
_exptl_crystal_grow.pdbx_details    
'1.0 M Lithium sulfate, 2% (w/v) PEG8000, pH 7.0, VAPOR DIFFUSION, HANGING DROP, temperature 293K' 
_exptl_crystal_grow.pdbx_pH_range   . 
# 
_diffrn.id                     1 
_diffrn.ambient_temp           100 
_diffrn.ambient_temp_details   ? 
_diffrn.crystal_id             1 
# 
_diffrn_detector.diffrn_id              1 
_diffrn_detector.detector               CCD 
_diffrn_detector.type                   'MARMOSAIC 300 mm CCD' 
_diffrn_detector.pdbx_collection_date   2007-03-10 
_diffrn_detector.details                mirrors 
# 
_diffrn_radiation.diffrn_id                        1 
_diffrn_radiation.wavelength_id                    1 
_diffrn_radiation.pdbx_monochromatic_or_laue_m_l   M 
_diffrn_radiation.monochromator                    'SI crystal' 
_diffrn_radiation.pdbx_diffrn_protocol             'SINGLE WAVELENGTH' 
_diffrn_radiation.pdbx_scattering_type             x-ray 
# 
_diffrn_radiation_wavelength.id           1 
_diffrn_radiation_wavelength.wavelength   0.96 
_diffrn_radiation_wavelength.wt           1.0 
# 
_diffrn_source.diffrn_id                   1 
_diffrn_source.source                      SYNCHROTRON 
_diffrn_source.type                        'APS BEAMLINE 22-BM' 
_diffrn_source.pdbx_synchrotron_site       APS 
_diffrn_source.pdbx_synchrotron_beamline   22-BM 
_diffrn_source.pdbx_wavelength             ? 
_diffrn_source.pdbx_wavelength_list        0.96 
# 
_reflns.entry_id                     2PLZ 
_reflns.observed_criterion_sigma_F   ? 
_reflns.observed_criterion_sigma_I   -3 
_reflns.d_resolution_high            1.36 
_reflns.d_resolution_low             30 
_reflns.number_all                   7002 
_reflns.number_obs                   7002 
_reflns.percent_possible_obs         99.6 
_reflns.pdbx_Rmerge_I_obs            0.087 
_reflns.pdbx_Rsym_value              0.087 
_reflns.pdbx_netI_over_sigmaI        17 
_reflns.B_iso_Wilson_estimate        ? 
_reflns.pdbx_redundancy              5.7 
_reflns.R_free_details               ? 
_reflns.limit_h_max                  ? 
_reflns.limit_h_min                  ? 
_reflns.limit_k_max                  ? 
_reflns.limit_k_min                  ? 
_reflns.limit_l_max                  ? 
_reflns.limit_l_min                  ? 
_reflns.observed_criterion_F_max     ? 
_reflns.observed_criterion_F_min     ? 
_reflns.pdbx_chi_squared             ? 
_reflns.pdbx_scaling_rejects         ? 
_reflns.pdbx_diffrn_id               1 
_reflns.pdbx_ordinal                 1 
# 
_reflns_shell.d_res_high             1.36 
_reflns_shell.d_res_low              1.41 
_reflns_shell.percent_possible_all   99.4 
_reflns_shell.Rmerge_I_obs           0.341 
_reflns_shell.pdbx_Rsym_value        0.341 
_reflns_shell.meanI_over_sigI_obs    4.2 
_reflns_shell.pdbx_redundancy        5.2 
_reflns_shell.percent_possible_obs   ? 
_reflns_shell.number_unique_all      657 
_reflns_shell.number_measured_all    ? 
_reflns_shell.number_measured_obs    ? 
_reflns_shell.number_unique_obs      ? 
_reflns_shell.pdbx_chi_squared       ? 
_reflns_shell.pdbx_diffrn_id         ? 
_reflns_shell.pdbx_ordinal           1 
# 
_refine.entry_id                                 2PLZ 
_refine.ls_number_reflns_obs                     6636 
_refine.ls_number_reflns_all                     7002 
_refine.pdbx_ls_sigma_I                          0 
_refine.pdbx_ls_sigma_F                          0 
_refine.pdbx_data_cutoff_high_absF               ? 
_refine.pdbx_data_cutoff_low_absF                ? 
_refine.pdbx_data_cutoff_high_rms_absF           ? 
_refine.ls_d_res_low                             20.00 
_refine.ls_d_res_high                            1.36 
_refine.ls_percent_reflns_obs                    99.64 
_refine.ls_R_factor_obs                          0.10776 
_refine.ls_R_factor_all                          0.10776 
_refine.ls_R_factor_R_work                       0.10528 
_refine.ls_R_factor_R_free                       0.15797 
_refine.ls_R_factor_R_free_error                 ? 
_refine.ls_R_factor_R_free_error_details         ? 
_refine.ls_percent_reflns_R_free                 4.8 
_refine.ls_number_reflns_R_free                  332 
_refine.ls_number_parameters                     ? 
_refine.ls_number_restraints                     ? 
_refine.occupancy_min                            ? 
_refine.occupancy_max                            ? 
_refine.correlation_coeff_Fo_to_Fc               0.980 
_refine.correlation_coeff_Fo_to_Fc_free          0.953 
_refine.B_iso_mean                               12.360 
_refine.aniso_B[1][1]                            -0.68 
_refine.aniso_B[2][2]                            0.66 
_refine.aniso_B[3][3]                            0.01 
_refine.aniso_B[1][2]                            0.00 
_refine.aniso_B[1][3]                            0.00 
_refine.aniso_B[2][3]                            0.00 
_refine.solvent_model_details                    'BABINET MODEL WITH MASK' 
_refine.solvent_model_param_ksol                 ? 
_refine.solvent_model_param_bsol                 ? 
_refine.pdbx_solvent_vdw_probe_radii             1.20 
_refine.pdbx_solvent_ion_probe_radii             0.80 
_refine.pdbx_solvent_shrinkage_radii             0.80 
_refine.pdbx_ls_cross_valid_method               THROUGHOUT 
_refine.details                                  'HYDROGENS HAVE BEEN ADDED IN THE RIDING POSITIONS' 
_refine.pdbx_starting_model                      2IJV 
_refine.pdbx_method_to_determine_struct          'MOLECULAR REPLACEMENT' 
_refine.pdbx_isotropic_thermal_model             ? 
_refine.pdbx_stereochemistry_target_values       'MAXIMUM LIKELIHOOD' 
_refine.pdbx_stereochem_target_val_spec_case     ? 
_refine.pdbx_R_Free_selection_details            RANDOM 
_refine.pdbx_overall_ESU_R                       0.050 
_refine.pdbx_overall_ESU_R_Free                  0.052 
_refine.overall_SU_ML                            0.024 
_refine.overall_SU_B                             1.271 
_refine.ls_redundancy_reflns_obs                 ? 
_refine.B_iso_min                                ? 
_refine.B_iso_max                                ? 
_refine.overall_SU_R_Cruickshank_DPI             ? 
_refine.overall_SU_R_free                        ? 
_refine.ls_wR_factor_R_free                      ? 
_refine.ls_wR_factor_R_work                      ? 
_refine.overall_FOM_free_R_set                   ? 
_refine.overall_FOM_work_R_set                   ? 
_refine.pdbx_refine_id                           'X-RAY DIFFRACTION' 
_refine.pdbx_diffrn_id                           1 
_refine.pdbx_TLS_residual_ADP_flag               ? 
_refine.pdbx_overall_phase_error                 ? 
_refine.pdbx_overall_SU_R_free_Cruickshank_DPI   ? 
_refine.pdbx_overall_SU_R_Blow_DPI               ? 
_refine.pdbx_overall_SU_R_free_Blow_DPI          ? 
# 
_refine_analyze.entry_id                        2PLZ 
_refine_analyze.Luzzati_coordinate_error_obs    0.1154 
_refine_analyze.Luzzati_sigma_a_obs             ? 
_refine_analyze.Luzzati_d_res_low_obs           ? 
_refine_analyze.Luzzati_coordinate_error_free   ? 
_refine_analyze.Luzzati_sigma_a_free            ? 
_refine_analyze.Luzzati_d_res_low_free          ? 
_refine_analyze.number_disordered_residues      ? 
_refine_analyze.occupancy_sum_non_hydrogen      ? 
_refine_analyze.occupancy_sum_hydrogen          ? 
_refine_analyze.pdbx_Luzzati_d_res_high_obs     ? 
_refine_analyze.pdbx_refine_id                  'X-RAY DIFFRACTION' 
# 
_refine_hist.pdbx_refine_id                   'X-RAY DIFFRACTION' 
_refine_hist.cycle_id                         LAST 
_refine_hist.pdbx_number_atoms_protein        279 
_refine_hist.pdbx_number_atoms_nucleic_acid   0 
_refine_hist.pdbx_number_atoms_ligand         20 
_refine_hist.number_atoms_solvent             81 
_refine_hist.number_atoms_total               380 
_refine_hist.d_res_high                       1.36 
_refine_hist.d_res_low                        20.00 
# 
loop_
_refine_ls_restr.type 
_refine_ls_restr.dev_ideal 
_refine_ls_restr.dev_ideal_target 
_refine_ls_restr.weight 
_refine_ls_restr.number 
_refine_ls_restr.pdbx_refine_id 
_refine_ls_restr.pdbx_restraint_function 
r_bond_refined_d             0.020  0.021  ? 303 'X-RAY DIFFRACTION' ? 
r_bond_other_d               ?      ?      ? ?   'X-RAY DIFFRACTION' ? 
r_angle_refined_deg          1.963  1.996  ? 411 'X-RAY DIFFRACTION' ? 
r_angle_other_deg            ?      ?      ? ?   'X-RAY DIFFRACTION' ? 
r_dihedral_angle_1_deg       5.639  5.000  ? 35  'X-RAY DIFFRACTION' ? 
r_dihedral_angle_2_deg       22.896 19.286 ? 14  'X-RAY DIFFRACTION' ? 
r_dihedral_angle_3_deg       8.497  15.000 ? 44  'X-RAY DIFFRACTION' ? 
r_dihedral_angle_4_deg       20.509 15.000 ? 5   'X-RAY DIFFRACTION' ? 
r_chiral_restr               0.113  0.200  ? 38  'X-RAY DIFFRACTION' ? 
r_gen_planes_refined         0.017  0.020  ? 226 'X-RAY DIFFRACTION' ? 
r_gen_planes_other           ?      ?      ? ?   'X-RAY DIFFRACTION' ? 
r_nbd_refined                0.211  0.200  ? 109 'X-RAY DIFFRACTION' ? 
r_nbd_other                  ?      ?      ? ?   'X-RAY DIFFRACTION' ? 
r_nbtor_refined              0.309  0.200  ? 203 'X-RAY DIFFRACTION' ? 
r_nbtor_other                ?      ?      ? ?   'X-RAY DIFFRACTION' ? 
r_xyhbond_nbd_refined        0.194  0.200  ? 50  'X-RAY DIFFRACTION' ? 
r_xyhbond_nbd_other          ?      ?      ? ?   'X-RAY DIFFRACTION' ? 
r_metal_ion_refined          ?      ?      ? ?   'X-RAY DIFFRACTION' ? 
r_metal_ion_other            ?      ?      ? ?   'X-RAY DIFFRACTION' ? 
r_symmetry_vdw_refined       0.192  0.200  ? 24  'X-RAY DIFFRACTION' ? 
r_symmetry_vdw_other         ?      ?      ? ?   'X-RAY DIFFRACTION' ? 
r_symmetry_hbond_refined     0.214  0.200  ? 33  'X-RAY DIFFRACTION' ? 
r_symmetry_hbond_other       ?      ?      ? ?   'X-RAY DIFFRACTION' ? 
r_symmetry_metal_ion_refined ?      ?      ? ?   'X-RAY DIFFRACTION' ? 
r_symmetry_metal_ion_other   ?      ?      ? ?   'X-RAY DIFFRACTION' ? 
r_mcbond_it                  2.402  1.500  ? 182 'X-RAY DIFFRACTION' ? 
r_mcbond_other               ?      ?      ? ?   'X-RAY DIFFRACTION' ? 
r_mcangle_it                 3.076  2.000  ? 281 'X-RAY DIFFRACTION' ? 
r_scbond_it                  4.253  3.000  ? 136 'X-RAY DIFFRACTION' ? 
r_scangle_it                 5.911  4.500  ? 130 'X-RAY DIFFRACTION' ? 
r_rigid_bond_restr           2.359  3.000  ? 318 'X-RAY DIFFRACTION' ? 
r_sphericity_free            9.528  3.000  ? 81  'X-RAY DIFFRACTION' ? 
r_sphericity_bonded          5.324  3.000  ? 299 'X-RAY DIFFRACTION' ? 
# 
_refine_ls_shell.pdbx_total_number_of_bins_used   20 
_refine_ls_shell.d_res_high                       1.363 
_refine_ls_shell.d_res_low                        1.398 
_refine_ls_shell.number_reflns_R_work             440 
_refine_ls_shell.R_factor_R_work                  0.131 
_refine_ls_shell.percent_reflns_obs               98.32 
_refine_ls_shell.R_factor_R_free                  0.204 
_refine_ls_shell.R_factor_R_free_error            ? 
_refine_ls_shell.percent_reflns_R_free            ? 
_refine_ls_shell.number_reflns_R_free             27 
_refine_ls_shell.number_reflns_all                ? 
_refine_ls_shell.R_factor_all                     ? 
_refine_ls_shell.number_reflns_obs                ? 
_refine_ls_shell.redundancy_reflns_obs            ? 
_refine_ls_shell.pdbx_refine_id                   'X-RAY DIFFRACTION' 
# 
_struct.entry_id                  2PLZ 
_struct.title                     'Arg-modified human beta-defensin 1 (HBD1)' 
_struct.pdbx_model_details        ? 
_struct.pdbx_CASP_flag            ? 
_struct.pdbx_model_type_details   ? 
# 
_struct_keywords.entry_id        2PLZ 
_struct_keywords.pdbx_keywords   'ANTIMICROBIAL PROTEIN' 
_struct_keywords.text            'ANTIMICROBIAL, CHEMOTACTIC, DEFENSIN, ANTIMICROBIAL PROTEIN' 
# 
loop_
_struct_asym.id 
_struct_asym.pdbx_blank_PDB_chainid_flag 
_struct_asym.pdbx_modified 
_struct_asym.entity_id 
_struct_asym.details 
A N N 1 ? 
B N N 2 ? 
C N N 2 ? 
D N N 2 ? 
E N N 2 ? 
F N N 3 ? 
# 
_struct_ref.id                         1 
_struct_ref.db_name                    UNP 
_struct_ref.db_code                    BD01_HUMAN 
_struct_ref.pdbx_db_accession          P60022 
_struct_ref.entity_id                  1 
_struct_ref.pdbx_seq_one_letter_code   DHYNCVSSGGQCLYSACPIFTKIQGTCYRGKAKCCK 
_struct_ref.pdbx_align_begin           33 
_struct_ref.pdbx_db_isoform            ? 
# 
_struct_ref_seq.align_id                      1 
_struct_ref_seq.ref_id                        1 
_struct_ref_seq.pdbx_PDB_id_code              2PLZ 
_struct_ref_seq.pdbx_strand_id                A 
_struct_ref_seq.seq_align_beg                 1 
_struct_ref_seq.pdbx_seq_align_beg_ins_code   ? 
_struct_ref_seq.seq_align_end                 36 
_struct_ref_seq.pdbx_seq_align_end_ins_code   ? 
_struct_ref_seq.pdbx_db_accession             P60022 
_struct_ref_seq.db_align_beg                  33 
_struct_ref_seq.pdbx_db_align_beg_ins_code    ? 
_struct_ref_seq.db_align_end                  68 
_struct_ref_seq.pdbx_db_align_end_ins_code    ? 
_struct_ref_seq.pdbx_auth_seq_align_beg       1 
_struct_ref_seq.pdbx_auth_seq_align_end       36 
# 
loop_
_struct_ref_seq_dif.align_id 
_struct_ref_seq_dif.pdbx_pdb_id_code 
_struct_ref_seq_dif.mon_id 
_struct_ref_seq_dif.pdbx_pdb_strand_id 
_struct_ref_seq_dif.seq_num 
_struct_ref_seq_dif.pdbx_pdb_ins_code 
_struct_ref_seq_dif.pdbx_seq_db_name 
_struct_ref_seq_dif.pdbx_seq_db_accession_code 
_struct_ref_seq_dif.db_mon_id 
_struct_ref_seq_dif.pdbx_seq_db_seq_num 
_struct_ref_seq_dif.details 
_struct_ref_seq_dif.pdbx_auth_seq_num 
_struct_ref_seq_dif.pdbx_ordinal 
1 2PLZ ARG A 22 ? UNP P60022 LYS 54 'engineered mutation' 22 1 
1 2PLZ ARG A 31 ? UNP P60022 LYS 63 'engineered mutation' 31 2 
1 2PLZ ARG A 33 ? UNP P60022 LYS 65 'engineered mutation' 33 3 
1 2PLZ ARG A 36 ? UNP P60022 LYS 68 'engineered mutation' 36 4 
# 
_pdbx_struct_assembly.id                   1 
_pdbx_struct_assembly.details              author_defined_assembly 
_pdbx_struct_assembly.method_details       ? 
_pdbx_struct_assembly.oligomeric_details   monomeric 
_pdbx_struct_assembly.oligomeric_count     1 
# 
_pdbx_struct_assembly_gen.assembly_id       1 
_pdbx_struct_assembly_gen.oper_expression   1 
_pdbx_struct_assembly_gen.asym_id_list      A,B,C,D,E,F 
# 
_pdbx_struct_oper_list.id                   1 
_pdbx_struct_oper_list.type                 'identity operation' 
_pdbx_struct_oper_list.name                 1_555 
_pdbx_struct_oper_list.symmetry_operation   x,y,z 
_pdbx_struct_oper_list.matrix[1][1]         1.0000000000 
_pdbx_struct_oper_list.matrix[1][2]         0.0000000000 
_pdbx_struct_oper_list.matrix[1][3]         0.0000000000 
_pdbx_struct_oper_list.vector[1]            0.0000000000 
_pdbx_struct_oper_list.matrix[2][1]         0.0000000000 
_pdbx_struct_oper_list.matrix[2][2]         1.0000000000 
_pdbx_struct_oper_list.matrix[2][3]         0.0000000000 
_pdbx_struct_oper_list.vector[2]            0.0000000000 
_pdbx_struct_oper_list.matrix[3][1]         0.0000000000 
_pdbx_struct_oper_list.matrix[3][2]         0.0000000000 
_pdbx_struct_oper_list.matrix[3][3]         1.0000000000 
_pdbx_struct_oper_list.vector[3]            0.0000000000 
# 
_struct_conf.conf_type_id            HELX_P 
_struct_conf.id                      HELX_P1 
_struct_conf.pdbx_PDB_helix_id       1 
_struct_conf.beg_label_comp_id       ASP 
_struct_conf.beg_label_asym_id       A 
_struct_conf.beg_label_seq_id        1 
_struct_conf.pdbx_beg_PDB_ins_code   ? 
_struct_conf.end_label_comp_id       SER 
_struct_conf.end_label_asym_id       A 
_struct_conf.end_label_seq_id        8 
_struct_conf.pdbx_end_PDB_ins_code   ? 
_struct_conf.beg_auth_comp_id        ASP 
_struct_conf.beg_auth_asym_id        A 
_struct_conf.beg_auth_seq_id         1 
_struct_conf.end_auth_comp_id        SER 
_struct_conf.end_auth_asym_id        A 
_struct_conf.end_auth_seq_id         8 
_struct_conf.pdbx_PDB_helix_class    1 
_struct_conf.details                 ? 
_struct_conf.pdbx_PDB_helix_length   8 
# 
_struct_conf_type.id          HELX_P 
_struct_conf_type.criteria    ? 
_struct_conf_type.reference   ? 
# 
loop_
_struct_conn.id 
_struct_conn.conn_type_id 
_struct_conn.pdbx_leaving_atom_flag 
_struct_conn.pdbx_PDB_id 
_struct_conn.ptnr1_label_asym_id 
_struct_conn.ptnr1_label_comp_id 
_struct_conn.ptnr1_label_seq_id 
_struct_conn.ptnr1_label_atom_id 
_struct_conn.pdbx_ptnr1_label_alt_id 
_struct_conn.pdbx_ptnr1_PDB_ins_code 
_struct_conn.pdbx_ptnr1_standard_comp_id 
_struct_conn.ptnr1_symmetry 
_struct_conn.ptnr2_label_asym_id 
_struct_conn.ptnr2_label_comp_id 
_struct_conn.ptnr2_label_seq_id 
_struct_conn.ptnr2_label_atom_id 
_struct_conn.pdbx_ptnr2_label_alt_id 
_struct_conn.pdbx_ptnr2_PDB_ins_code 
_struct_conn.ptnr1_auth_asym_id 
_struct_conn.ptnr1_auth_comp_id 
_struct_conn.ptnr1_auth_seq_id 
_struct_conn.ptnr2_auth_asym_id 
_struct_conn.ptnr2_auth_comp_id 
_struct_conn.ptnr2_auth_seq_id 
_struct_conn.ptnr2_symmetry 
_struct_conn.pdbx_ptnr3_label_atom_id 
_struct_conn.pdbx_ptnr3_label_seq_id 
_struct_conn.pdbx_ptnr3_label_comp_id 
_struct_conn.pdbx_ptnr3_label_asym_id 
_struct_conn.pdbx_ptnr3_label_alt_id 
_struct_conn.pdbx_ptnr3_PDB_ins_code 
_struct_conn.details 
_struct_conn.pdbx_dist_value 
_struct_conn.pdbx_value_order 
_struct_conn.pdbx_role 
disulf1 disulf ? ? A CYS 5  SG ? ? ? 1_555 A CYS 34 SG ? ? A CYS 5  A CYS 34 1_555 ? ? ? ? ? ? ? 2.091 ? ? 
disulf2 disulf ? ? A CYS 12 SG ? ? ? 1_555 A CYS 27 SG ? ? A CYS 12 A CYS 27 1_555 ? ? ? ? ? ? ? 2.054 ? ? 
disulf3 disulf ? ? A CYS 17 SG ? ? ? 1_555 A CYS 35 SG ? ? A CYS 17 A CYS 35 1_555 ? ? ? ? ? ? ? 2.070 ? ? 
# 
_struct_conn_type.id          disulf 
_struct_conn_type.criteria    ? 
_struct_conn_type.reference   ? 
# 
loop_
_pdbx_modification_feature.ordinal 
_pdbx_modification_feature.label_comp_id 
_pdbx_modification_feature.label_asym_id 
_pdbx_modification_feature.label_seq_id 
_pdbx_modification_feature.label_alt_id 
_pdbx_modification_feature.modified_residue_label_comp_id 
_pdbx_modification_feature.modified_residue_label_asym_id 
_pdbx_modification_feature.modified_residue_label_seq_id 
_pdbx_modification_feature.modified_residue_label_alt_id 
_pdbx_modification_feature.auth_comp_id 
_pdbx_modification_feature.auth_asym_id 
_pdbx_modification_feature.auth_seq_id 
_pdbx_modification_feature.PDB_ins_code 
_pdbx_modification_feature.symmetry 
_pdbx_modification_feature.modified_residue_auth_comp_id 
_pdbx_modification_feature.modified_residue_auth_asym_id 
_pdbx_modification_feature.modified_residue_auth_seq_id 
_pdbx_modification_feature.modified_residue_PDB_ins_code 
_pdbx_modification_feature.modified_residue_symmetry 
_pdbx_modification_feature.comp_id_linking_atom 
_pdbx_modification_feature.modified_residue_id_linking_atom 
_pdbx_modification_feature.modified_residue_id 
_pdbx_modification_feature.ref_pcm_id 
_pdbx_modification_feature.ref_comp_id 
_pdbx_modification_feature.type 
_pdbx_modification_feature.category 
1 CYS A 5  ? CYS A 34 ? CYS A 5  ? 1_555 CYS A 34 ? 1_555 SG SG . . . None 'Disulfide bridge' 
2 CYS A 12 ? CYS A 27 ? CYS A 12 ? 1_555 CYS A 27 ? 1_555 SG SG . . . None 'Disulfide bridge' 
3 CYS A 17 ? CYS A 35 ? CYS A 17 ? 1_555 CYS A 35 ? 1_555 SG SG . . . None 'Disulfide bridge' 
# 
_struct_sheet.id               A 
_struct_sheet.type             ? 
_struct_sheet.number_strands   3 
_struct_sheet.details          ? 
# 
loop_
_struct_sheet_order.sheet_id 
_struct_sheet_order.range_id_1 
_struct_sheet_order.range_id_2 
_struct_sheet_order.offset 
_struct_sheet_order.sense 
A 1 2 ? anti-parallel 
A 2 3 ? anti-parallel 
# 
loop_
_struct_sheet_range.sheet_id 
_struct_sheet_range.id 
_struct_sheet_range.beg_label_comp_id 
_struct_sheet_range.beg_label_asym_id 
_struct_sheet_range.beg_label_seq_id 
_struct_sheet_range.pdbx_beg_PDB_ins_code 
_struct_sheet_range.end_label_comp_id 
_struct_sheet_range.end_label_asym_id 
_struct_sheet_range.end_label_seq_id 
_struct_sheet_range.pdbx_end_PDB_ins_code 
_struct_sheet_range.beg_auth_comp_id 
_struct_sheet_range.beg_auth_asym_id 
_struct_sheet_range.beg_auth_seq_id 
_struct_sheet_range.end_auth_comp_id 
_struct_sheet_range.end_auth_asym_id 
_struct_sheet_range.end_auth_seq_id 
A 1 GLN A 11 ? LEU A 13 ? GLN A 11 LEU A 13 
A 2 ALA A 32 ? CYS A 35 ? ALA A 32 CYS A 35 
A 3 ILE A 23 ? CYS A 27 ? ILE A 23 CYS A 27 
# 
loop_
_pdbx_struct_sheet_hbond.sheet_id 
_pdbx_struct_sheet_hbond.range_id_1 
_pdbx_struct_sheet_hbond.range_id_2 
_pdbx_struct_sheet_hbond.range_1_label_atom_id 
_pdbx_struct_sheet_hbond.range_1_label_comp_id 
_pdbx_struct_sheet_hbond.range_1_label_asym_id 
_pdbx_struct_sheet_hbond.range_1_label_seq_id 
_pdbx_struct_sheet_hbond.range_1_PDB_ins_code 
_pdbx_struct_sheet_hbond.range_1_auth_atom_id 
_pdbx_struct_sheet_hbond.range_1_auth_comp_id 
_pdbx_struct_sheet_hbond.range_1_auth_asym_id 
_pdbx_struct_sheet_hbond.range_1_auth_seq_id 
_pdbx_struct_sheet_hbond.range_2_label_atom_id 
_pdbx_struct_sheet_hbond.range_2_label_comp_id 
_pdbx_struct_sheet_hbond.range_2_label_asym_id 
_pdbx_struct_sheet_hbond.range_2_label_seq_id 
_pdbx_struct_sheet_hbond.range_2_PDB_ins_code 
_pdbx_struct_sheet_hbond.range_2_auth_atom_id 
_pdbx_struct_sheet_hbond.range_2_auth_comp_id 
_pdbx_struct_sheet_hbond.range_2_auth_asym_id 
_pdbx_struct_sheet_hbond.range_2_auth_seq_id 
A 1 2 N GLN A 11 ? N GLN A 11 O CYS A 35 ? O CYS A 35 
A 2 3 O CYS A 34 ? O CYS A 34 N GLN A 24 ? N GLN A 24 
# 
loop_
_struct_site.id 
_struct_site.pdbx_evidence_code 
_struct_site.pdbx_auth_asym_id 
_struct_site.pdbx_auth_comp_id 
_struct_site.pdbx_auth_seq_id 
_struct_site.pdbx_auth_ins_code 
_struct_site.pdbx_num_residues 
_struct_site.details 
AC1 Software A SO4 91 ? 10 'BINDING SITE FOR RESIDUE SO4 A 91' 
AC2 Software A SO4 92 ? 10 'BINDING SITE FOR RESIDUE SO4 A 92' 
AC3 Software A SO4 93 ? 8  'BINDING SITE FOR RESIDUE SO4 A 93' 
AC4 Software A SO4 94 ? 5  'BINDING SITE FOR RESIDUE SO4 A 94' 
# 
loop_
_struct_site_gen.id 
_struct_site_gen.site_id 
_struct_site_gen.pdbx_num_res 
_struct_site_gen.label_comp_id 
_struct_site_gen.label_asym_id 
_struct_site_gen.label_seq_id 
_struct_site_gen.pdbx_auth_ins_code 
_struct_site_gen.auth_comp_id 
_struct_site_gen.auth_asym_id 
_struct_site_gen.auth_seq_id 
_struct_site_gen.label_atom_id 
_struct_site_gen.label_alt_id 
_struct_site_gen.symmetry 
_struct_site_gen.details 
1  AC1 10 ASP A 1  ? ASP A 1   . ? 1_555 ? 
2  AC1 10 HIS A 2  ? HIS A 2   . ? 3_645 ? 
3  AC1 10 VAL A 6  ? VAL A 6   . ? 3_645 ? 
4  AC1 10 GLY A 25 ? GLY A 25  . ? 1_555 ? 
5  AC1 10 THR A 26 ? THR A 26  . ? 1_555 ? 
6  AC1 10 HOH F .  ? HOH A 107 . ? 1_555 ? 
7  AC1 10 HOH F .  ? HOH A 108 . ? 3_545 ? 
8  AC1 10 HOH F .  ? HOH A 111 . ? 1_555 ? 
9  AC1 10 HOH F .  ? HOH A 157 . ? 1_555 ? 
10 AC1 10 HOH F .  ? HOH A 161 . ? 1_555 ? 
11 AC2 10 ASP A 1  ? ASP A 1   . ? 1_555 ? 
12 AC2 10 HIS A 2  ? HIS A 2   . ? 1_555 ? 
13 AC2 10 TYR A 28 ? TYR A 28  . ? 1_555 ? 
14 AC2 10 ARG A 29 ? ARG A 29  . ? 1_555 ? 
15 AC2 10 HOH F .  ? HOH A 104 . ? 1_555 ? 
16 AC2 10 HOH F .  ? HOH A 119 . ? 3_655 ? 
17 AC2 10 HOH F .  ? HOH A 130 . ? 1_555 ? 
18 AC2 10 HOH F .  ? HOH A 147 . ? 1_555 ? 
19 AC2 10 HOH F .  ? HOH A 149 . ? 1_555 ? 
20 AC2 10 HOH F .  ? HOH A 153 . ? 1_555 ? 
21 AC3 8  GLN A 24 ? GLN A 24  . ? 3_555 ? 
22 AC3 8  ARG A 29 ? ARG A 29  . ? 4_456 ? 
23 AC3 8  ARG A 31 ? ARG A 31  . ? 1_555 ? 
24 AC3 8  HOH F .  ? HOH A 117 . ? 3_555 ? 
25 AC3 8  HOH F .  ? HOH A 123 . ? 1_555 ? 
26 AC3 8  HOH F .  ? HOH A 133 . ? 1_555 ? 
27 AC3 8  HOH F .  ? HOH A 155 . ? 1_555 ? 
28 AC3 8  HOH F .  ? HOH A 170 . ? 1_555 ? 
29 AC4 5  ARG A 22 ? ARG A 22  . ? 1_555 ? 
30 AC4 5  ARG A 29 ? ARG A 29  . ? 3_545 ? 
31 AC4 5  ARG A 31 ? ARG A 31  . ? 3_545 ? 
32 AC4 5  HOH F .  ? HOH A 132 . ? 1_555 ? 
33 AC4 5  HOH F .  ? HOH A 162 . ? 1_555 ? 
# 
_pdbx_entry_details.entry_id                   2PLZ 
_pdbx_entry_details.compound_details           ? 
_pdbx_entry_details.source_details             ? 
_pdbx_entry_details.nonpolymer_details         ? 
_pdbx_entry_details.sequence_details           ? 
_pdbx_entry_details.has_ligand_of_interest     ? 
_pdbx_entry_details.has_protein_modification   Y 
# 
loop_
_pdbx_validate_close_contact.id 
_pdbx_validate_close_contact.PDB_model_num 
_pdbx_validate_close_contact.auth_atom_id_1 
_pdbx_validate_close_contact.auth_asym_id_1 
_pdbx_validate_close_contact.auth_comp_id_1 
_pdbx_validate_close_contact.auth_seq_id_1 
_pdbx_validate_close_contact.PDB_ins_code_1 
_pdbx_validate_close_contact.label_alt_id_1 
_pdbx_validate_close_contact.auth_atom_id_2 
_pdbx_validate_close_contact.auth_asym_id_2 
_pdbx_validate_close_contact.auth_comp_id_2 
_pdbx_validate_close_contact.auth_seq_id_2 
_pdbx_validate_close_contact.PDB_ins_code_2 
_pdbx_validate_close_contact.label_alt_id_2 
_pdbx_validate_close_contact.dist 
1 1 O A HOH 145 ? ? O A HOH 175 ? ? 1.97 
2 1 O A HOH 135 ? ? O A HOH 139 ? ? 2.14 
# 
_pdbx_validate_symm_contact.id                1 
_pdbx_validate_symm_contact.PDB_model_num     1 
_pdbx_validate_symm_contact.auth_atom_id_1    O 
_pdbx_validate_symm_contact.auth_asym_id_1    A 
_pdbx_validate_symm_contact.auth_comp_id_1    HOH 
_pdbx_validate_symm_contact.auth_seq_id_1     109 
_pdbx_validate_symm_contact.PDB_ins_code_1    ? 
_pdbx_validate_symm_contact.label_alt_id_1    ? 
_pdbx_validate_symm_contact.site_symmetry_1   1_555 
_pdbx_validate_symm_contact.auth_atom_id_2    O 
_pdbx_validate_symm_contact.auth_asym_id_2    A 
_pdbx_validate_symm_contact.auth_comp_id_2    HOH 
_pdbx_validate_symm_contact.auth_seq_id_2     125 
_pdbx_validate_symm_contact.PDB_ins_code_2    ? 
_pdbx_validate_symm_contact.label_alt_id_2    ? 
_pdbx_validate_symm_contact.site_symmetry_2   3_645 
_pdbx_validate_symm_contact.dist              2.15 
# 
loop_
_chem_comp_atom.comp_id 
_chem_comp_atom.atom_id 
_chem_comp_atom.type_symbol 
_chem_comp_atom.pdbx_aromatic_flag 
_chem_comp_atom.pdbx_stereo_config 
_chem_comp_atom.pdbx_ordinal 
ALA N    N N N 1   
ALA CA   C N S 2   
ALA C    C N N 3   
ALA O    O N N 4   
ALA CB   C N N 5   
ALA OXT  O N N 6   
ALA H    H N N 7   
ALA H2   H N N 8   
ALA HA   H N N 9   
ALA HB1  H N N 10  
ALA HB2  H N N 11  
ALA HB3  H N N 12  
ALA HXT  H N N 13  
ARG N    N N N 14  
ARG CA   C N S 15  
ARG C    C N N 16  
ARG O    O N N 17  
ARG CB   C N N 18  
ARG CG   C N N 19  
ARG CD   C N N 20  
ARG NE   N N N 21  
ARG CZ   C N N 22  
ARG NH1  N N N 23  
ARG NH2  N N N 24  
ARG OXT  O N N 25  
ARG H    H N N 26  
ARG H2   H N N 27  
ARG HA   H N N 28  
ARG HB2  H N N 29  
ARG HB3  H N N 30  
ARG HG2  H N N 31  
ARG HG3  H N N 32  
ARG HD2  H N N 33  
ARG HD3  H N N 34  
ARG HE   H N N 35  
ARG HH11 H N N 36  
ARG HH12 H N N 37  
ARG HH21 H N N 38  
ARG HH22 H N N 39  
ARG HXT  H N N 40  
ASN N    N N N 41  
ASN CA   C N S 42  
ASN C    C N N 43  
ASN O    O N N 44  
ASN CB   C N N 45  
ASN CG   C N N 46  
ASN OD1  O N N 47  
ASN ND2  N N N 48  
ASN OXT  O N N 49  
ASN H    H N N 50  
ASN H2   H N N 51  
ASN HA   H N N 52  
ASN HB2  H N N 53  
ASN HB3  H N N 54  
ASN HD21 H N N 55  
ASN HD22 H N N 56  
ASN HXT  H N N 57  
ASP N    N N N 58  
ASP CA   C N S 59  
ASP C    C N N 60  
ASP O    O N N 61  
ASP CB   C N N 62  
ASP CG   C N N 63  
ASP OD1  O N N 64  
ASP OD2  O N N 65  
ASP OXT  O N N 66  
ASP H    H N N 67  
ASP H2   H N N 68  
ASP HA   H N N 69  
ASP HB2  H N N 70  
ASP HB3  H N N 71  
ASP HD2  H N N 72  
ASP HXT  H N N 73  
CYS N    N N N 74  
CYS CA   C N R 75  
CYS C    C N N 76  
CYS O    O N N 77  
CYS CB   C N N 78  
CYS SG   S N N 79  
CYS OXT  O N N 80  
CYS H    H N N 81  
CYS H2   H N N 82  
CYS HA   H N N 83  
CYS HB2  H N N 84  
CYS HB3  H N N 85  
CYS HG   H N N 86  
CYS HXT  H N N 87  
GLN N    N N N 88  
GLN CA   C N S 89  
GLN C    C N N 90  
GLN O    O N N 91  
GLN CB   C N N 92  
GLN CG   C N N 93  
GLN CD   C N N 94  
GLN OE1  O N N 95  
GLN NE2  N N N 96  
GLN OXT  O N N 97  
GLN H    H N N 98  
GLN H2   H N N 99  
GLN HA   H N N 100 
GLN HB2  H N N 101 
GLN HB3  H N N 102 
GLN HG2  H N N 103 
GLN HG3  H N N 104 
GLN HE21 H N N 105 
GLN HE22 H N N 106 
GLN HXT  H N N 107 
GLY N    N N N 108 
GLY CA   C N N 109 
GLY C    C N N 110 
GLY O    O N N 111 
GLY OXT  O N N 112 
GLY H    H N N 113 
GLY H2   H N N 114 
GLY HA2  H N N 115 
GLY HA3  H N N 116 
GLY HXT  H N N 117 
HIS N    N N N 118 
HIS CA   C N S 119 
HIS C    C N N 120 
HIS O    O N N 121 
HIS CB   C N N 122 
HIS CG   C Y N 123 
HIS ND1  N Y N 124 
HIS CD2  C Y N 125 
HIS CE1  C Y N 126 
HIS NE2  N Y N 127 
HIS OXT  O N N 128 
HIS H    H N N 129 
HIS H2   H N N 130 
HIS HA   H N N 131 
HIS HB2  H N N 132 
HIS HB3  H N N 133 
HIS HD1  H N N 134 
HIS HD2  H N N 135 
HIS HE1  H N N 136 
HIS HE2  H N N 137 
HIS HXT  H N N 138 
HOH O    O N N 139 
HOH H1   H N N 140 
HOH H2   H N N 141 
ILE N    N N N 142 
ILE CA   C N S 143 
ILE C    C N N 144 
ILE O    O N N 145 
ILE CB   C N S 146 
ILE CG1  C N N 147 
ILE CG2  C N N 148 
ILE CD1  C N N 149 
ILE OXT  O N N 150 
ILE H    H N N 151 
ILE H2   H N N 152 
ILE HA   H N N 153 
ILE HB   H N N 154 
ILE HG12 H N N 155 
ILE HG13 H N N 156 
ILE HG21 H N N 157 
ILE HG22 H N N 158 
ILE HG23 H N N 159 
ILE HD11 H N N 160 
ILE HD12 H N N 161 
ILE HD13 H N N 162 
ILE HXT  H N N 163 
LEU N    N N N 164 
LEU CA   C N S 165 
LEU C    C N N 166 
LEU O    O N N 167 
LEU CB   C N N 168 
LEU CG   C N N 169 
LEU CD1  C N N 170 
LEU CD2  C N N 171 
LEU OXT  O N N 172 
LEU H    H N N 173 
LEU H2   H N N 174 
LEU HA   H N N 175 
LEU HB2  H N N 176 
LEU HB3  H N N 177 
LEU HG   H N N 178 
LEU HD11 H N N 179 
LEU HD12 H N N 180 
LEU HD13 H N N 181 
LEU HD21 H N N 182 
LEU HD22 H N N 183 
LEU HD23 H N N 184 
LEU HXT  H N N 185 
LYS N    N N N 186 
LYS CA   C N S 187 
LYS C    C N N 188 
LYS O    O N N 189 
LYS CB   C N N 190 
LYS CG   C N N 191 
LYS CD   C N N 192 
LYS CE   C N N 193 
LYS NZ   N N N 194 
LYS OXT  O N N 195 
LYS H    H N N 196 
LYS H2   H N N 197 
LYS HA   H N N 198 
LYS HB2  H N N 199 
LYS HB3  H N N 200 
LYS HG2  H N N 201 
LYS HG3  H N N 202 
LYS HD2  H N N 203 
LYS HD3  H N N 204 
LYS HE2  H N N 205 
LYS HE3  H N N 206 
LYS HZ1  H N N 207 
LYS HZ2  H N N 208 
LYS HZ3  H N N 209 
LYS HXT  H N N 210 
PHE N    N N N 211 
PHE CA   C N S 212 
PHE C    C N N 213 
PHE O    O N N 214 
PHE CB   C N N 215 
PHE CG   C Y N 216 
PHE CD1  C Y N 217 
PHE CD2  C Y N 218 
PHE CE1  C Y N 219 
PHE CE2  C Y N 220 
PHE CZ   C Y N 221 
PHE OXT  O N N 222 
PHE H    H N N 223 
PHE H2   H N N 224 
PHE HA   H N N 225 
PHE HB2  H N N 226 
PHE HB3  H N N 227 
PHE HD1  H N N 228 
PHE HD2  H N N 229 
PHE HE1  H N N 230 
PHE HE2  H N N 231 
PHE HZ   H N N 232 
PHE HXT  H N N 233 
PRO N    N N N 234 
PRO CA   C N S 235 
PRO C    C N N 236 
PRO O    O N N 237 
PRO CB   C N N 238 
PRO CG   C N N 239 
PRO CD   C N N 240 
PRO OXT  O N N 241 
PRO H    H N N 242 
PRO HA   H N N 243 
PRO HB2  H N N 244 
PRO HB3  H N N 245 
PRO HG2  H N N 246 
PRO HG3  H N N 247 
PRO HD2  H N N 248 
PRO HD3  H N N 249 
PRO HXT  H N N 250 
SER N    N N N 251 
SER CA   C N S 252 
SER C    C N N 253 
SER O    O N N 254 
SER CB   C N N 255 
SER OG   O N N 256 
SER OXT  O N N 257 
SER H    H N N 258 
SER H2   H N N 259 
SER HA   H N N 260 
SER HB2  H N N 261 
SER HB3  H N N 262 
SER HG   H N N 263 
SER HXT  H N N 264 
SO4 S    S N N 265 
SO4 O1   O N N 266 
SO4 O2   O N N 267 
SO4 O3   O N N 268 
SO4 O4   O N N 269 
THR N    N N N 270 
THR CA   C N S 271 
THR C    C N N 272 
THR O    O N N 273 
THR CB   C N R 274 
THR OG1  O N N 275 
THR CG2  C N N 276 
THR OXT  O N N 277 
THR H    H N N 278 
THR H2   H N N 279 
THR HA   H N N 280 
THR HB   H N N 281 
THR HG1  H N N 282 
THR HG21 H N N 283 
THR HG22 H N N 284 
THR HG23 H N N 285 
THR HXT  H N N 286 
TYR N    N N N 287 
TYR CA   C N S 288 
TYR C    C N N 289 
TYR O    O N N 290 
TYR CB   C N N 291 
TYR CG   C Y N 292 
TYR CD1  C Y N 293 
TYR CD2  C Y N 294 
TYR CE1  C Y N 295 
TYR CE2  C Y N 296 
TYR CZ   C Y N 297 
TYR OH   O N N 298 
TYR OXT  O N N 299 
TYR H    H N N 300 
TYR H2   H N N 301 
TYR HA   H N N 302 
TYR HB2  H N N 303 
TYR HB3  H N N 304 
TYR HD1  H N N 305 
TYR HD2  H N N 306 
TYR HE1  H N N 307 
TYR HE2  H N N 308 
TYR HH   H N N 309 
TYR HXT  H N N 310 
VAL N    N N N 311 
VAL CA   C N S 312 
VAL C    C N N 313 
VAL O    O N N 314 
VAL CB   C N N 315 
VAL CG1  C N N 316 
VAL CG2  C N N 317 
VAL OXT  O N N 318 
VAL H    H N N 319 
VAL H2   H N N 320 
VAL HA   H N N 321 
VAL HB   H N N 322 
VAL HG11 H N N 323 
VAL HG12 H N N 324 
VAL HG13 H N N 325 
VAL HG21 H N N 326 
VAL HG22 H N N 327 
VAL HG23 H N N 328 
VAL HXT  H N N 329 
# 
loop_
_chem_comp_bond.comp_id 
_chem_comp_bond.atom_id_1 
_chem_comp_bond.atom_id_2 
_chem_comp_bond.value_order 
_chem_comp_bond.pdbx_aromatic_flag 
_chem_comp_bond.pdbx_stereo_config 
_chem_comp_bond.pdbx_ordinal 
ALA N   CA   sing N N 1   
ALA N   H    sing N N 2   
ALA N   H2   sing N N 3   
ALA CA  C    sing N N 4   
ALA CA  CB   sing N N 5   
ALA CA  HA   sing N N 6   
ALA C   O    doub N N 7   
ALA C   OXT  sing N N 8   
ALA CB  HB1  sing N N 9   
ALA CB  HB2  sing N N 10  
ALA CB  HB3  sing N N 11  
ALA OXT HXT  sing N N 12  
ARG N   CA   sing N N 13  
ARG N   H    sing N N 14  
ARG N   H2   sing N N 15  
ARG CA  C    sing N N 16  
ARG CA  CB   sing N N 17  
ARG CA  HA   sing N N 18  
ARG C   O    doub N N 19  
ARG C   OXT  sing N N 20  
ARG CB  CG   sing N N 21  
ARG CB  HB2  sing N N 22  
ARG CB  HB3  sing N N 23  
ARG CG  CD   sing N N 24  
ARG CG  HG2  sing N N 25  
ARG CG  HG3  sing N N 26  
ARG CD  NE   sing N N 27  
ARG CD  HD2  sing N N 28  
ARG CD  HD3  sing N N 29  
ARG NE  CZ   sing N N 30  
ARG NE  HE   sing N N 31  
ARG CZ  NH1  sing N N 32  
ARG CZ  NH2  doub N N 33  
ARG NH1 HH11 sing N N 34  
ARG NH1 HH12 sing N N 35  
ARG NH2 HH21 sing N N 36  
ARG NH2 HH22 sing N N 37  
ARG OXT HXT  sing N N 38  
ASN N   CA   sing N N 39  
ASN N   H    sing N N 40  
ASN N   H2   sing N N 41  
ASN CA  C    sing N N 42  
ASN CA  CB   sing N N 43  
ASN CA  HA   sing N N 44  
ASN C   O    doub N N 45  
ASN C   OXT  sing N N 46  
ASN CB  CG   sing N N 47  
ASN CB  HB2  sing N N 48  
ASN CB  HB3  sing N N 49  
ASN CG  OD1  doub N N 50  
ASN CG  ND2  sing N N 51  
ASN ND2 HD21 sing N N 52  
ASN ND2 HD22 sing N N 53  
ASN OXT HXT  sing N N 54  
ASP N   CA   sing N N 55  
ASP N   H    sing N N 56  
ASP N   H2   sing N N 57  
ASP CA  C    sing N N 58  
ASP CA  CB   sing N N 59  
ASP CA  HA   sing N N 60  
ASP C   O    doub N N 61  
ASP C   OXT  sing N N 62  
ASP CB  CG   sing N N 63  
ASP CB  HB2  sing N N 64  
ASP CB  HB3  sing N N 65  
ASP CG  OD1  doub N N 66  
ASP CG  OD2  sing N N 67  
ASP OD2 HD2  sing N N 68  
ASP OXT HXT  sing N N 69  
CYS N   CA   sing N N 70  
CYS N   H    sing N N 71  
CYS N   H2   sing N N 72  
CYS CA  C    sing N N 73  
CYS CA  CB   sing N N 74  
CYS CA  HA   sing N N 75  
CYS C   O    doub N N 76  
CYS C   OXT  sing N N 77  
CYS CB  SG   sing N N 78  
CYS CB  HB2  sing N N 79  
CYS CB  HB3  sing N N 80  
CYS SG  HG   sing N N 81  
CYS OXT HXT  sing N N 82  
GLN N   CA   sing N N 83  
GLN N   H    sing N N 84  
GLN N   H2   sing N N 85  
GLN CA  C    sing N N 86  
GLN CA  CB   sing N N 87  
GLN CA  HA   sing N N 88  
GLN C   O    doub N N 89  
GLN C   OXT  sing N N 90  
GLN CB  CG   sing N N 91  
GLN CB  HB2  sing N N 92  
GLN CB  HB3  sing N N 93  
GLN CG  CD   sing N N 94  
GLN CG  HG2  sing N N 95  
GLN CG  HG3  sing N N 96  
GLN CD  OE1  doub N N 97  
GLN CD  NE2  sing N N 98  
GLN NE2 HE21 sing N N 99  
GLN NE2 HE22 sing N N 100 
GLN OXT HXT  sing N N 101 
GLY N   CA   sing N N 102 
GLY N   H    sing N N 103 
GLY N   H2   sing N N 104 
GLY CA  C    sing N N 105 
GLY CA  HA2  sing N N 106 
GLY CA  HA3  sing N N 107 
GLY C   O    doub N N 108 
GLY C   OXT  sing N N 109 
GLY OXT HXT  sing N N 110 
HIS N   CA   sing N N 111 
HIS N   H    sing N N 112 
HIS N   H2   sing N N 113 
HIS CA  C    sing N N 114 
HIS CA  CB   sing N N 115 
HIS CA  HA   sing N N 116 
HIS C   O    doub N N 117 
HIS C   OXT  sing N N 118 
HIS CB  CG   sing N N 119 
HIS CB  HB2  sing N N 120 
HIS CB  HB3  sing N N 121 
HIS CG  ND1  sing Y N 122 
HIS CG  CD2  doub Y N 123 
HIS ND1 CE1  doub Y N 124 
HIS ND1 HD1  sing N N 125 
HIS CD2 NE2  sing Y N 126 
HIS CD2 HD2  sing N N 127 
HIS CE1 NE2  sing Y N 128 
HIS CE1 HE1  sing N N 129 
HIS NE2 HE2  sing N N 130 
HIS OXT HXT  sing N N 131 
HOH O   H1   sing N N 132 
HOH O   H2   sing N N 133 
ILE N   CA   sing N N 134 
ILE N   H    sing N N 135 
ILE N   H2   sing N N 136 
ILE CA  C    sing N N 137 
ILE CA  CB   sing N N 138 
ILE CA  HA   sing N N 139 
ILE C   O    doub N N 140 
ILE C   OXT  sing N N 141 
ILE CB  CG1  sing N N 142 
ILE CB  CG2  sing N N 143 
ILE CB  HB   sing N N 144 
ILE CG1 CD1  sing N N 145 
ILE CG1 HG12 sing N N 146 
ILE CG1 HG13 sing N N 147 
ILE CG2 HG21 sing N N 148 
ILE CG2 HG22 sing N N 149 
ILE CG2 HG23 sing N N 150 
ILE CD1 HD11 sing N N 151 
ILE CD1 HD12 sing N N 152 
ILE CD1 HD13 sing N N 153 
ILE OXT HXT  sing N N 154 
LEU N   CA   sing N N 155 
LEU N   H    sing N N 156 
LEU N   H2   sing N N 157 
LEU CA  C    sing N N 158 
LEU CA  CB   sing N N 159 
LEU CA  HA   sing N N 160 
LEU C   O    doub N N 161 
LEU C   OXT  sing N N 162 
LEU CB  CG   sing N N 163 
LEU CB  HB2  sing N N 164 
LEU CB  HB3  sing N N 165 
LEU CG  CD1  sing N N 166 
LEU CG  CD2  sing N N 167 
LEU CG  HG   sing N N 168 
LEU CD1 HD11 sing N N 169 
LEU CD1 HD12 sing N N 170 
LEU CD1 HD13 sing N N 171 
LEU CD2 HD21 sing N N 172 
LEU CD2 HD22 sing N N 173 
LEU CD2 HD23 sing N N 174 
LEU OXT HXT  sing N N 175 
LYS N   CA   sing N N 176 
LYS N   H    sing N N 177 
LYS N   H2   sing N N 178 
LYS CA  C    sing N N 179 
LYS CA  CB   sing N N 180 
LYS CA  HA   sing N N 181 
LYS C   O    doub N N 182 
LYS C   OXT  sing N N 183 
LYS CB  CG   sing N N 184 
LYS CB  HB2  sing N N 185 
LYS CB  HB3  sing N N 186 
LYS CG  CD   sing N N 187 
LYS CG  HG2  sing N N 188 
LYS CG  HG3  sing N N 189 
LYS CD  CE   sing N N 190 
LYS CD  HD2  sing N N 191 
LYS CD  HD3  sing N N 192 
LYS CE  NZ   sing N N 193 
LYS CE  HE2  sing N N 194 
LYS CE  HE3  sing N N 195 
LYS NZ  HZ1  sing N N 196 
LYS NZ  HZ2  sing N N 197 
LYS NZ  HZ3  sing N N 198 
LYS OXT HXT  sing N N 199 
PHE N   CA   sing N N 200 
PHE N   H    sing N N 201 
PHE N   H2   sing N N 202 
PHE CA  C    sing N N 203 
PHE CA  CB   sing N N 204 
PHE CA  HA   sing N N 205 
PHE C   O    doub N N 206 
PHE C   OXT  sing N N 207 
PHE CB  CG   sing N N 208 
PHE CB  HB2  sing N N 209 
PHE CB  HB3  sing N N 210 
PHE CG  CD1  doub Y N 211 
PHE CG  CD2  sing Y N 212 
PHE CD1 CE1  sing Y N 213 
PHE CD1 HD1  sing N N 214 
PHE CD2 CE2  doub Y N 215 
PHE CD2 HD2  sing N N 216 
PHE CE1 CZ   doub Y N 217 
PHE CE1 HE1  sing N N 218 
PHE CE2 CZ   sing Y N 219 
PHE CE2 HE2  sing N N 220 
PHE CZ  HZ   sing N N 221 
PHE OXT HXT  sing N N 222 
PRO N   CA   sing N N 223 
PRO N   CD   sing N N 224 
PRO N   H    sing N N 225 
PRO CA  C    sing N N 226 
PRO CA  CB   sing N N 227 
PRO CA  HA   sing N N 228 
PRO C   O    doub N N 229 
PRO C   OXT  sing N N 230 
PRO CB  CG   sing N N 231 
PRO CB  HB2  sing N N 232 
PRO CB  HB3  sing N N 233 
PRO CG  CD   sing N N 234 
PRO CG  HG2  sing N N 235 
PRO CG  HG3  sing N N 236 
PRO CD  HD2  sing N N 237 
PRO CD  HD3  sing N N 238 
PRO OXT HXT  sing N N 239 
SER N   CA   sing N N 240 
SER N   H    sing N N 241 
SER N   H2   sing N N 242 
SER CA  C    sing N N 243 
SER CA  CB   sing N N 244 
SER CA  HA   sing N N 245 
SER C   O    doub N N 246 
SER C   OXT  sing N N 247 
SER CB  OG   sing N N 248 
SER CB  HB2  sing N N 249 
SER CB  HB3  sing N N 250 
SER OG  HG   sing N N 251 
SER OXT HXT  sing N N 252 
SO4 S   O1   doub N N 253 
SO4 S   O2   doub N N 254 
SO4 S   O3   sing N N 255 
SO4 S   O4   sing N N 256 
THR N   CA   sing N N 257 
THR N   H    sing N N 258 
THR N   H2   sing N N 259 
THR CA  C    sing N N 260 
THR CA  CB   sing N N 261 
THR CA  HA   sing N N 262 
THR C   O    doub N N 263 
THR C   OXT  sing N N 264 
THR CB  OG1  sing N N 265 
THR CB  CG2  sing N N 266 
THR CB  HB   sing N N 267 
THR OG1 HG1  sing N N 268 
THR CG2 HG21 sing N N 269 
THR CG2 HG22 sing N N 270 
THR CG2 HG23 sing N N 271 
THR OXT HXT  sing N N 272 
TYR N   CA   sing N N 273 
TYR N   H    sing N N 274 
TYR N   H2   sing N N 275 
TYR CA  C    sing N N 276 
TYR CA  CB   sing N N 277 
TYR CA  HA   sing N N 278 
TYR C   O    doub N N 279 
TYR C   OXT  sing N N 280 
TYR CB  CG   sing N N 281 
TYR CB  HB2  sing N N 282 
TYR CB  HB3  sing N N 283 
TYR CG  CD1  doub Y N 284 
TYR CG  CD2  sing Y N 285 
TYR CD1 CE1  sing Y N 286 
TYR CD1 HD1  sing N N 287 
TYR CD2 CE2  doub Y N 288 
TYR CD2 HD2  sing N N 289 
TYR CE1 CZ   doub Y N 290 
TYR CE1 HE1  sing N N 291 
TYR CE2 CZ   sing Y N 292 
TYR CE2 HE2  sing N N 293 
TYR CZ  OH   sing N N 294 
TYR OH  HH   sing N N 295 
TYR OXT HXT  sing N N 296 
VAL N   CA   sing N N 297 
VAL N   H    sing N N 298 
VAL N   H2   sing N N 299 
VAL CA  C    sing N N 300 
VAL CA  CB   sing N N 301 
VAL CA  HA   sing N N 302 
VAL C   O    doub N N 303 
VAL C   OXT  sing N N 304 
VAL CB  CG1  sing N N 305 
VAL CB  CG2  sing N N 306 
VAL CB  HB   sing N N 307 
VAL CG1 HG11 sing N N 308 
VAL CG1 HG12 sing N N 309 
VAL CG1 HG13 sing N N 310 
VAL CG2 HG21 sing N N 311 
VAL CG2 HG22 sing N N 312 
VAL CG2 HG23 sing N N 313 
VAL OXT HXT  sing N N 314 
# 
_pdbx_initial_refinement_model.accession_code   ma-chlmo 
_pdbx_initial_refinement_model.id               1 
_pdbx_initial_refinement_model.entity_id_list   ? 
_pdbx_initial_refinement_model.type             'in silico model' 
_pdbx_initial_refinement_model.source_name      ModelArchive 
_pdbx_initial_refinement_model.details          'entry 2IJV that was moved from PDB to ModelArchive' 
# 
_atom_sites.entry_id                    2PLZ 
_atom_sites.fract_transf_matrix[1][1]   0.04188868 
_atom_sites.fract_transf_matrix[1][2]   0.01840932 
_atom_sites.fract_transf_matrix[1][3]   0.01781414 
_atom_sites.fract_transf_matrix[2][1]   0.01640879 
_atom_sites.fract_transf_matrix[2][2]   -0.03214301 
_atom_sites.fract_transf_matrix[2][3]   -0.00536718 
_atom_sites.fract_transf_matrix[3][1]   0.00480168 
_atom_sites.fract_transf_matrix[3][2]   0.00524090 
_atom_sites.fract_transf_matrix[3][3]   -0.01670680 
_atom_sites.fract_transf_vector[1]      0.280686 
_atom_sites.fract_transf_vector[2]      0.191050 
_atom_sites.fract_transf_vector[3]      0.183074 
# 
loop_
_atom_type.symbol 
C 
N 
O 
S 
# 
loop_
_atom_site.group_PDB 
_atom_site.id 
_atom_site.type_symbol 
_atom_site.label_atom_id 
_atom_site.label_alt_id 
_atom_site.label_comp_id 
_atom_site.label_asym_id 
_atom_site.label_entity_id 
_atom_site.label_seq_id 
_atom_site.pdbx_PDB_ins_code 
_atom_site.Cartn_x 
_atom_site.Cartn_y 
_atom_site.Cartn_z 
_atom_site.occupancy 
_atom_site.B_iso_or_equiv 
_atom_site.pdbx_formal_charge 
_atom_site.auth_seq_id 
_atom_site.auth_comp_id 
_atom_site.auth_asym_id 
_atom_site.auth_atom_id 
_atom_site.pdbx_PDB_model_num 
ATOM   1   N N   . ASP A 1 1  ? 3.344   5.824   -4.036  1.00 15.13 ? 1   ASP A N   1 
ATOM   2   C CA  . ASP A 1 1  ? 4.354   4.912   -4.684  1.00 10.06 ? 1   ASP A CA  1 
ATOM   3   C C   . ASP A 1 1  ? 4.953   4.082   -3.578  1.00 7.09  ? 1   ASP A C   1 
ATOM   4   O O   . ASP A 1 1  ? 4.632   4.331   -2.388  1.00 6.76  ? 1   ASP A O   1 
ATOM   5   C CB  . ASP A 1 1  ? 5.389   5.654   -5.561  1.00 11.47 ? 1   ASP A CB  1 
ATOM   6   C CG  . ASP A 1 1  ? 6.323   6.599   -4.798  1.00 14.12 ? 1   ASP A CG  1 
ATOM   7   O OD1 . ASP A 1 1  ? 6.364   6.642   -3.577  1.00 11.79 ? 1   ASP A OD1 1 
ATOM   8   O OD2 . ASP A 1 1  ? 7.058   7.332   -5.504  1.00 19.07 ? 1   ASP A OD2 1 
ATOM   9   N N   . HIS A 1 2  ? 5.770   3.087   -3.957  1.00 6.35  ? 2   HIS A N   1 
ATOM   10  C CA  . HIS A 1 2  ? 6.358   2.200   -2.964  1.00 5.71  ? 2   HIS A CA  1 
ATOM   11  C C   . HIS A 1 2  ? 7.187   2.940   -1.907  1.00 4.86  ? 2   HIS A C   1 
ATOM   12  O O   . HIS A 1 2  ? 7.026   2.697   -0.721  1.00 4.80  ? 2   HIS A O   1 
ATOM   13  C CB  . HIS A 1 2  ? 7.133   1.118   -3.696  1.00 7.06  ? 2   HIS A CB  1 
ATOM   14  C CG  . HIS A 1 2  ? 7.969   0.243   -2.798  1.00 6.45  ? 2   HIS A CG  1 
ATOM   15  N ND1 . HIS A 1 2  ? 9.312   0.073   -3.006  1.00 10.41 ? 2   HIS A ND1 1 
ATOM   16  C CD2 . HIS A 1 2  ? 7.678   -0.475  -1.691  1.00 6.90  ? 2   HIS A CD2 1 
ATOM   17  C CE1 . HIS A 1 2  ? 9.797   -0.750  -2.106  1.00 9.30  ? 2   HIS A CE1 1 
ATOM   18  N NE2 . HIS A 1 2  ? 8.824   -1.084  -1.271  1.00 7.65  ? 2   HIS A NE2 1 
ATOM   19  N N   . TYR A 1 3  ? 8.078   3.843   -2.311  1.00 4.85  ? 3   TYR A N   1 
ATOM   20  C CA  . TYR A 1 3  ? 8.960   4.519   -1.375  1.00 4.10  ? 3   TYR A CA  1 
ATOM   21  C C   . TYR A 1 3  ? 8.108   5.284   -0.354  1.00 4.51  ? 3   TYR A C   1 
ATOM   22  O O   . TYR A 1 3  ? 8.370   5.198   0.846   1.00 4.82  ? 3   TYR A O   1 
ATOM   23  C CB  . TYR A 1 3  ? 9.855   5.496   -2.121  1.00 6.14  ? 3   TYR A CB  1 
ATOM   24  C CG  . TYR A 1 3  ? 10.834  6.213   -1.202  1.00 5.25  ? 3   TYR A CG  1 
ATOM   25  C CD1 . TYR A 1 3  ? 12.110  5.676   -0.962  1.00 6.20  ? 3   TYR A CD1 1 
ATOM   26  C CD2 . TYR A 1 3  ? 10.460  7.375   -0.522  1.00 7.28  ? 3   TYR A CD2 1 
ATOM   27  C CE1 . TYR A 1 3  ? 13.010  6.339   -0.091  1.00 6.71  ? 3   TYR A CE1 1 
ATOM   28  C CE2 . TYR A 1 3  ? 11.330  8.044   0.361   1.00 6.54  ? 3   TYR A CE2 1 
ATOM   29  C CZ  . TYR A 1 3  ? 12.602  7.521   0.553   1.00 5.41  ? 3   TYR A CZ  1 
ATOM   30  O OH  . TYR A 1 3  ? 13.438  8.218   1.412   1.00 7.00  ? 3   TYR A OH  1 
ATOM   31  N N   . ASN A 1 4  ? 7.109   6.036   -0.825  1.00 5.00  ? 4   ASN A N   1 
ATOM   32  C CA  . ASN A 1 4  ? 6.298   6.788   0.111   1.00 4.87  ? 4   ASN A CA  1 
ATOM   33  C C   . ASN A 1 4  ? 5.434   5.935   0.966   1.00 3.64  ? 4   ASN A C   1 
ATOM   34  O O   . ASN A 1 4  ? 5.232   6.237   2.135   1.00 5.36  ? 4   ASN A O   1 
ATOM   35  C CB  . ASN A 1 4  ? 5.420   7.799   -0.641  1.00 5.72  ? 4   ASN A CB  1 
ATOM   36  C CG  . ASN A 1 4  ? 6.205   8.977   -1.166  1.00 5.35  ? 4   ASN A CG  1 
ATOM   37  O OD1 . ASN A 1 4  ? 7.387   9.140   -0.848  1.00 7.80  ? 4   ASN A OD1 1 
ATOM   38  N ND2 . ASN A 1 4  ? 5.492   9.858   -1.918  1.00 7.10  ? 4   ASN A ND2 1 
ATOM   39  N N   . CYS A 1 5  ? 4.907   4.845   0.408   1.00 4.46  ? 5   CYS A N   1 
ATOM   40  C CA  . CYS A 1 5  ? 4.101   3.907   1.192   1.00 5.17  ? 5   CYS A CA  1 
ATOM   41  C C   . CYS A 1 5  ? 4.947   3.440   2.391   1.00 4.28  ? 5   CYS A C   1 
ATOM   42  O O   . CYS A 1 5  ? 4.478   3.493   3.554   1.00 5.34  ? 5   CYS A O   1 
ATOM   43  C CB  . CYS A 1 5  ? 3.668   2.739   0.303   1.00 6.04  ? 5   CYS A CB  1 
ATOM   44  S SG  . CYS A 1 5  ? 2.602   1.594   1.163   1.00 7.50  ? 5   CYS A SG  1 
ATOM   45  N N   . VAL A 1 6  ? 6.141   2.931   2.119   1.00 4.39  ? 6   VAL A N   1 
ATOM   46  C CA  . VAL A 1 6  ? 6.970   2.351   3.179   1.00 5.13  ? 6   VAL A CA  1 
ATOM   47  C C   . VAL A 1 6  ? 7.352   3.494   4.191   1.00 4.40  ? 6   VAL A C   1 
ATOM   48  O O   . VAL A 1 6  ? 7.340   3.245   5.427   1.00 5.08  ? 6   VAL A O   1 
ATOM   49  C CB  . VAL A 1 6  ? 8.218   1.660   2.586   1.00 5.66  ? 6   VAL A CB  1 
ATOM   50  C CG1 . VAL A 1 6  ? 9.196   1.299   3.689   1.00 6.72  ? 6   VAL A CG1 1 
ATOM   51  C CG2 . VAL A 1 6  ? 7.758   0.422   1.808   1.00 7.35  ? 6   VAL A CG2 1 
ATOM   52  N N   . SER A 1 7  ? 7.707   4.677   3.687   1.00 3.87  ? 7   SER A N   1 
ATOM   53  C CA  . SER A 1 7  ? 8.144   5.747   4.586   1.00 4.55  ? 7   SER A CA  1 
ATOM   54  C C   . SER A 1 7  ? 7.042   6.194   5.503   1.00 5.16  ? 7   SER A C   1 
ATOM   55  O O   . SER A 1 7  ? 7.320   6.671   6.619   1.00 6.33  ? 7   SER A O   1 
ATOM   56  C CB  . SER A 1 7  ? 8.534   6.933   3.686   1.00 5.90  ? 7   SER A CB  1 
ATOM   57  O OG  . SER A 1 7  ? 9.740   6.645   2.968   1.00 5.74  ? 7   SER A OG  1 
ATOM   58  N N   . SER A 1 8  ? 5.771   6.061   5.060   1.00 5.27  ? 8   SER A N   1 
ATOM   59  C CA  . SER A 1 8  ? 4.638   6.486   5.871   1.00 6.00  ? 8   SER A CA  1 
ATOM   60  C C   . SER A 1 8  ? 4.107   5.427   6.781   1.00 6.28  ? 8   SER A C   1 
ATOM   61  O O   . SER A 1 8  ? 3.106   5.633   7.422   1.00 9.17  ? 8   SER A O   1 
ATOM   62  C CB  . SER A 1 8  ? 3.517   7.041   4.984   1.00 7.88  ? 8   SER A CB  1 
ATOM   63  O OG  . SER A 1 8  ? 2.946   5.994   4.219   1.00 9.74  ? 8   SER A OG  1 
ATOM   64  N N   . GLY A 1 9  ? 4.765   4.258   6.808   1.00 6.14  ? 9   GLY A N   1 
ATOM   65  C CA  . GLY A 1 9  ? 4.324   3.184   7.698   1.00 6.75  ? 9   GLY A CA  1 
ATOM   66  C C   . GLY A 1 9  ? 3.339   2.220   7.092   1.00 4.93  ? 9   GLY A C   1 
ATOM   67  O O   . GLY A 1 9  ? 2.728   1.444   7.825   1.00 7.48  ? 9   GLY A O   1 
ATOM   68  N N   . GLY A 1 10 ? 3.230   2.195   5.766   1.00 5.92  ? 10  GLY A N   1 
ATOM   69  C CA  . GLY A 1 10 ? 2.373   1.247   5.090   1.00 6.04  ? 10  GLY A CA  1 
ATOM   70  C C   . GLY A 1 10 ? 3.165   0.136   4.414   1.00 4.90  ? 10  GLY A C   1 
ATOM   71  O O   . GLY A 1 10 ? 4.430   0.088   4.471   1.00 6.42  ? 10  GLY A O   1 
ATOM   72  N N   . GLN A 1 11 ? 2.448   -0.771  3.791   1.00 5.33  ? 11  GLN A N   1 
ATOM   73  C CA  . GLN A 1 11 ? 3.104   -1.760  2.933   1.00 5.26  ? 11  GLN A CA  1 
ATOM   74  C C   . GLN A 1 11 ? 2.299   -1.975  1.673   1.00 3.85  ? 11  GLN A C   1 
ATOM   75  O O   . GLN A 1 11 ? 1.072   -1.777  1.658   1.00 5.50  ? 11  GLN A O   1 
ATOM   76  C CB  . GLN A 1 11 ? 3.282   -3.112  3.669   1.00 8.22  ? 11  GLN A CB  1 
ATOM   77  C CG  . GLN A 1 11 ? 4.372   -3.052  4.787   1.00 9.05  ? 11  GLN A CG  1 
ATOM   78  C CD  . GLN A 1 11 ? 4.883   -4.360  5.224   1.00 13.32 ? 11  GLN A CD  1 
ATOM   79  O OE1 . GLN A 1 11 ? 6.075   -4.475  5.673   1.00 14.39 ? 11  GLN A OE1 1 
ATOM   80  N NE2 . GLN A 1 11 ? 4.037   -5.353  5.150   1.00 11.88 ? 11  GLN A NE2 1 
ATOM   81  N N   . CYS A 1 12 ? 3.009   -2.311  0.616   1.00 4.73  ? 12  CYS A N   1 
ATOM   82  C CA  . CYS A 1 12 ? 2.361   -2.524  -0.701  1.00 5.78  ? 12  CYS A CA  1 
ATOM   83  C C   . CYS A 1 12 ? 1.895   -3.962  -0.851  1.00 4.28  ? 12  CYS A C   1 
ATOM   84  O O   . CYS A 1 12 ? 2.652   -4.910  -0.546  1.00 5.54  ? 12  CYS A O   1 
ATOM   85  C CB  . CYS A 1 12 ? 3.364   -2.252  -1.836  1.00 6.50  ? 12  CYS A CB  1 
ATOM   86  S SG  . CYS A 1 12 ? 4.042   -0.539  -1.768  1.00 7.72  ? 12  CYS A SG  1 
ATOM   87  N N   . LEU A 1 13 ? 0.695   -4.137  -1.392  1.00 5.69  ? 13  LEU A N   1 
ATOM   88  C CA  . LEU A 1 13 ? 0.175   -5.466  -1.662  1.00 5.19  ? 13  LEU A CA  1 
ATOM   89  C C   . LEU A 1 13 ? -0.519  -5.552  -2.992  1.00 5.30  ? 13  LEU A C   1 
ATOM   90  O O   . LEU A 1 13 ? -1.121  -4.551  -3.437  1.00 5.63  ? 13  LEU A O   1 
ATOM   91  C CB  . LEU A 1 13 ? -0.869  -5.874  -0.591  1.00 9.00  ? 13  LEU A CB  1 
ATOM   92  C CG  . LEU A 1 13 ? -0.256  -6.172  0.783   1.00 13.15 ? 13  LEU A CG  1 
ATOM   93  C CD1 . LEU A 1 13 ? -1.342  -6.556  1.686   1.00 24.42 ? 13  LEU A CD1 1 
ATOM   94  C CD2 . LEU A 1 13 ? 0.782   -7.264  0.777   1.00 16.41 ? 13  LEU A CD2 1 
ATOM   95  N N   . TYR A 1 14 ? -0.465  -6.724  -3.625  1.00 5.50  ? 14  TYR A N   1 
ATOM   96  C CA  . TYR A 1 14 ? -1.219  -6.948  -4.847  1.00 5.09  ? 14  TYR A CA  1 
ATOM   97  C C   . TYR A 1 14 ? -2.552  -7.648  -4.540  1.00 5.99  ? 14  TYR A C   1 
ATOM   98  O O   . TYR A 1 14 ? -3.293  -7.986  -5.444  1.00 11.18 ? 14  TYR A O   1 
ATOM   99  C CB  . TYR A 1 14 ? -0.399  -7.813  -5.860  1.00 5.75  ? 14  TYR A CB  1 
ATOM   100 C CG  . TYR A 1 14 ? 0.727   -6.987  -6.463  1.00 4.99  ? 14  TYR A CG  1 
ATOM   101 C CD1 . TYR A 1 14 ? 2.017   -6.984  -5.881  1.00 6.21  ? 14  TYR A CD1 1 
ATOM   102 C CD2 . TYR A 1 14 ? 0.534   -6.222  -7.591  1.00 6.34  ? 14  TYR A CD2 1 
ATOM   103 C CE1 . TYR A 1 14 ? 3.067   -6.287  -6.470  1.00 6.22  ? 14  TYR A CE1 1 
ATOM   104 C CE2 . TYR A 1 14 ? 1.553   -5.522  -8.164  1.00 5.94  ? 14  TYR A CE2 1 
ATOM   105 C CZ  . TYR A 1 14 ? 2.842   -5.579  -7.627  1.00 4.82  ? 14  TYR A CZ  1 
ATOM   106 O OH  . TYR A 1 14 ? 3.891   -4.963  -8.259  1.00 5.93  ? 14  TYR A OH  1 
ATOM   107 N N   . SER A 1 15 ? -2.783  -8.012  -3.300  1.00 8.15  ? 15  SER A N   1 
ATOM   108 C CA  . SER A 1 15 ? -4.052  -8.562  -2.842  1.00 9.49  ? 15  SER A CA  1 
ATOM   109 C C   . SER A 1 15 ? -4.777  -7.551  -1.956  1.00 7.08  ? 15  SER A C   1 
ATOM   110 O O   . SER A 1 15 ? -4.330  -6.398  -1.838  1.00 6.06  ? 15  SER A O   1 
ATOM   111 C CB  . SER A 1 15 ? -3.777  -9.853  -2.106  1.00 12.82 ? 15  SER A CB  1 
ATOM   112 O OG  . SER A 1 15 ? -2.735  -9.610  -1.222  1.00 17.51 ? 15  SER A OG  1 
ATOM   113 N N   . ALA A 1 16 ? -5.885  -7.938  -1.321  1.00 6.17  ? 16  ALA A N   1 
ATOM   114 C CA  . ALA A 1 16 ? -6.597  -7.026  -0.436  1.00 5.93  ? 16  ALA A CA  1 
ATOM   115 C C   . ALA A 1 16 ? -5.726  -6.584  0.719   1.00 5.69  ? 16  ALA A C   1 
ATOM   116 O O   . ALA A 1 16 ? -4.831  -7.289  1.165   1.00 7.29  ? 16  ALA A O   1 
ATOM   117 C CB  . ALA A 1 16 ? -7.814  -7.740  0.164   1.00 7.75  ? 16  ALA A CB  1 
ATOM   118 N N   . CYS A 1 17 ? -5.977  -5.360  1.195   1.00 5.78  ? 17  CYS A N   1 
ATOM   119 C CA  . CYS A 1 17 ? -5.325  -4.931  2.392   1.00 6.33  ? 17  CYS A CA  1 
ATOM   120 C C   . CYS A 1 17 ? -5.699  -5.851  3.578   1.00 5.96  ? 17  CYS A C   1 
ATOM   121 O O   . CYS A 1 17 ? -6.852  -6.271  3.673   1.00 6.47  ? 17  CYS A O   1 
ATOM   122 C CB  . CYS A 1 17 ? -5.723  -3.518  2.786   1.00 6.75  ? 17  CYS A CB  1 
ATOM   123 S SG  . CYS A 1 17 ? -5.074  -2.213  1.633   1.00 7.23  ? 17  CYS A SG  1 
ATOM   124 N N   . PRO A 1 18 ? -4.771  -6.125  4.474   1.00 6.03  ? 18  PRO A N   1 
ATOM   125 C CA  . PRO A 1 18 ? -5.134  -6.902  5.673   1.00 6.30  ? 18  PRO A CA  1 
ATOM   126 C C   . PRO A 1 18 ? -6.349  -6.251  6.362   1.00 5.99  ? 18  PRO A C   1 
ATOM   127 O O   . PRO A 1 18 ? -6.402  -4.998  6.385   1.00 6.38  ? 18  PRO A O   1 
ATOM   128 C CB  . PRO A 1 18 ? -3.845  -6.797  6.526   1.00 7.46  ? 18  PRO A CB  1 
ATOM   129 C CG  . PRO A 1 18 ? -2.746  -6.751  5.509   1.00 9.16  ? 18  PRO A CG  1 
ATOM   130 C CD  . PRO A 1 18 ? -3.320  -5.874  4.400   1.00 6.36  ? 18  PRO A CD  1 
ATOM   131 N N   . ILE A 1 19 ? -7.201  -7.024  7.068   1.00 5.80  ? 19  ILE A N   1 
ATOM   132 C CA  . ILE A 1 19 ? -8.434  -6.483  7.600   1.00 6.70  ? 19  ILE A CA  1 
ATOM   133 C C   . ILE A 1 19 ? -8.223  -5.319  8.601   1.00 6.71  ? 19  ILE A C   1 
ATOM   134 O O   . ILE A 1 19 ? -9.079  -4.453  8.708   1.00 8.08  ? 19  ILE A O   1 
ATOM   135 C CB  . ILE A 1 19 ? -9.230  -7.653  8.226   1.00 6.43  ? 19  ILE A CB  1 
ATOM   136 C CG1 . ILE A 1 19 ? -10.636 -7.156  8.659   1.00 8.01  ? 19  ILE A CG1 1 
ATOM   137 C CG2 . ILE A 1 19 ? -8.438  -8.311  9.387   1.00 6.89  ? 19  ILE A CG2 1 
ATOM   138 C CD1 . ILE A 1 19 ? -11.559 -8.285  9.120   1.00 10.18 ? 19  ILE A CD1 1 
ATOM   139 N N   . PHE A 1 20 ? -7.090  -5.272  9.281   1.00 6.23  ? 20  PHE A N   1 
ATOM   140 C CA  . PHE A 1 20 ? -6.845  -4.206  10.268  1.00 7.40  ? 20  PHE A CA  1 
ATOM   141 C C   . PHE A 1 20 ? -6.279  -2.915  9.615   1.00 6.92  ? 20  PHE A C   1 
ATOM   142 O O   . PHE A 1 20 ? -5.902  -1.974  10.341  1.00 9.05  ? 20  PHE A O   1 
ATOM   143 C CB  . PHE A 1 20 ? -5.928  -4.714  11.398  1.00 8.09  ? 20  PHE A CB  1 
ATOM   144 C CG  . PHE A 1 20 ? -4.540  -5.140  10.941  1.00 7.10  ? 20  PHE A CG  1 
ATOM   145 C CD1 . PHE A 1 20 ? -3.436  -4.268  11.015  1.00 8.18  ? 20  PHE A CD1 1 
ATOM   146 C CD2 . PHE A 1 20 ? -4.318  -6.426  10.500  1.00 9.01  ? 20  PHE A CD2 1 
ATOM   147 C CE1 . PHE A 1 20 ? -2.144  -4.693  10.585  1.00 8.12  ? 20  PHE A CE1 1 
ATOM   148 C CE2 . PHE A 1 20 ? -3.052  -6.832  10.036  1.00 9.09  ? 20  PHE A CE2 1 
ATOM   149 C CZ  . PHE A 1 20 ? -1.982  -5.995  10.108  1.00 9.37  ? 20  PHE A CZ  1 
ATOM   150 N N   . THR A 1 21 ? -6.166  -2.890  8.289   1.00 6.01  ? 21  THR A N   1 
ATOM   151 C CA  . THR A 1 21 ? -5.607  -1.737  7.570   1.00 6.35  ? 21  THR A CA  1 
ATOM   152 C C   . THR A 1 21 ? -6.598  -1.312  6.485   1.00 5.06  ? 21  THR A C   1 
ATOM   153 O O   . THR A 1 21 ? -7.549  -2.037  6.167   1.00 6.01  ? 21  THR A O   1 
ATOM   154 C CB  . THR A 1 21 ? -4.252  -2.118  6.876   1.00 7.48  ? 21  THR A CB  1 
ATOM   155 O OG1 . THR A 1 21 ? -4.488  -3.063  5.814   1.00 6.26  ? 21  THR A OG1 1 
ATOM   156 C CG2 . THR A 1 21 ? -3.209  -2.756  7.890   1.00 8.41  ? 21  THR A CG2 1 
ATOM   157 N N   . ARG A 1 22 ? -6.320  -0.186  5.868   1.00 6.07  ? 22  ARG A N   1 
ATOM   158 C CA  . ARG A 1 22 ? -7.108  0.329   4.730   1.00 5.45  ? 22  ARG A CA  1 
ATOM   159 C C   . ARG A 1 22 ? -6.188  0.908   3.678   1.00 5.53  ? 22  ARG A C   1 
ATOM   160 O O   . ARG A 1 22 ? -5.039  1.287   3.993   1.00 6.07  ? 22  ARG A O   1 
ATOM   161 C CB  . ARG A 1 22 ? -8.073  1.438   5.174   1.00 7.56  ? 22  ARG A CB  1 
ATOM   162 C CG  . ARG A 1 22 ? -9.221  0.966   6.130   1.00 8.38  ? 22  ARG A CG  1 
ATOM   163 C CD  . ARG A 1 22 ? -10.132 -0.089  5.457   1.00 10.43 ? 22  ARG A CD  1 
ATOM   164 N NE  . ARG A 1 22 ? -11.274 -0.440  6.288   1.00 10.98 ? 22  ARG A NE  1 
ATOM   165 C CZ  . ARG A 1 22 ? -11.285 -1.484  7.104   1.00 12.68 ? 22  ARG A CZ  1 
ATOM   166 N NH1 . ARG A 1 22 ? -10.195 -2.246  7.239   1.00 15.85 ? 22  ARG A NH1 1 
ATOM   167 N NH2 . ARG A 1 22 ? -12.377 -1.748  7.822   1.00 16.91 ? 22  ARG A NH2 1 
ATOM   168 N N   . ILE A 1 23 ? -6.677  0.980   2.429   1.00 5.27  ? 23  ILE A N   1 
ATOM   169 C CA  . ILE A 1 23 ? -5.870  1.518   1.337   1.00 4.90  ? 23  ILE A CA  1 
ATOM   170 C C   . ILE A 1 23 ? -5.587  3.014   1.612   1.00 4.61  ? 23  ILE A C   1 
ATOM   171 O O   . ILE A 1 23 ? -6.499  3.789   1.983   1.00 6.84  ? 23  ILE A O   1 
ATOM   172 C CB  . ILE A 1 23 ? -6.548  1.257   0.004   1.00 4.68  ? 23  ILE A CB  1 
ATOM   173 C CG1 . ILE A 1 23 ? -5.698  1.759   -1.141  1.00 5.50  ? 23  ILE A CG1 1 
ATOM   174 C CG2 . ILE A 1 23 ? -7.952  1.927   -0.087  1.00 5.66  ? 23  ILE A CG2 1 
ATOM   175 C CD1 . ILE A 1 23 ? -6.127  1.303   -2.509  1.00 5.96  ? 23  ILE A CD1 1 
ATOM   176 N N   . GLN A 1 24 ? -4.345  3.388   1.331   1.00 4.67  ? 24  GLN A N   1 
ATOM   177 C CA  . GLN A 1 24 ? -3.859  4.769   1.452   1.00 5.65  ? 24  GLN A CA  1 
ATOM   178 C C   . GLN A 1 24 ? -3.413  5.354   0.140   1.00 5.64  ? 24  GLN A C   1 
ATOM   179 O O   . GLN A 1 24 ? -3.086  6.539   0.080   1.00 11.01 ? 24  GLN A O   1 
ATOM   180 C CB  . GLN A 1 24 ? -2.634  4.869   2.403   1.00 5.79  ? 24  GLN A CB  1 
ATOM   181 C CG  . GLN A 1 24 ? -2.806  4.184   3.714   1.00 9.90  ? 24  GLN A CG  1 
ATOM   182 C CD  . GLN A 1 24 ? -3.871  4.812   4.568   1.00 9.74  ? 24  GLN A CD  1 
ATOM   183 O OE1 . GLN A 1 24 ? -4.794  4.107   5.109   1.00 14.78 ? 24  GLN A OE1 1 
ATOM   184 N NE2 . GLN A 1 24 ? -3.751  6.057   4.774   1.00 11.37 ? 24  GLN A NE2 1 
ATOM   185 N N   . GLY A 1 25 ? -3.291  4.565   -0.897  1.00 6.74  ? 25  GLY A N   1 
ATOM   186 C CA  . GLY A 1 25 ? -2.756  5.028   -2.198  1.00 6.70  ? 25  GLY A CA  1 
ATOM   187 C C   . GLY A 1 25 ? -2.252  3.779   -2.925  1.00 6.04  ? 25  GLY A C   1 
ATOM   188 O O   . GLY A 1 25 ? -2.699  2.655   -2.667  1.00 5.21  ? 25  GLY A O   1 
ATOM   189 N N   . THR A 1 26 ? -1.370  4.005   -3.912  1.00 6.84  ? 26  THR A N   1 
ATOM   190 C CA  . THR A 1 26 ? -1.004  2.924   -4.821  1.00 6.69  ? 26  THR A CA  1 
ATOM   191 C C   . THR A 1 26 ? 0.511   2.681   -4.713  1.00 6.66  ? 26  THR A C   1 
ATOM   192 O O   . THR A 1 26 ? 1.251   3.491   -4.143  1.00 8.84  ? 26  THR A O   1 
ATOM   193 C CB  . THR A 1 26 ? -1.354  3.251   -6.288  1.00 7.72  ? 26  THR A CB  1 
ATOM   194 O OG1 . THR A 1 26 ? -0.462  4.274   -6.800  1.00 9.57  ? 26  THR A OG1 1 
ATOM   195 C CG2 . THR A 1 26 ? -2.794  3.722   -6.399  1.00 9.47  ? 26  THR A CG2 1 
ATOM   196 N N   . CYS A 1 27 ? 0.980   1.571   -5.304  1.00 6.79  ? 27  CYS A N   1 
ATOM   197 C CA  . CYS A 1 27 ? 2.396   1.306   -5.462  1.00 5.55  ? 27  CYS A CA  1 
ATOM   198 C C   . CYS A 1 27 ? 2.611   0.633   -6.827  1.00 6.28  ? 27  CYS A C   1 
ATOM   199 O O   . CYS A 1 27 ? 1.687   0.015   -7.399  1.00 6.36  ? 27  CYS A O   1 
ATOM   200 C CB  . CYS A 1 27 ? 2.934   0.283   -4.413  1.00 8.54  ? 27  CYS A CB  1 
ATOM   201 S SG  . CYS A 1 27 ? 2.644   0.679   -2.652  1.00 8.40  ? 27  CYS A SG  1 
ATOM   202 N N   . TYR A 1 28 ? 3.885   0.628   -7.257  1.00 5.59  ? 28  TYR A N   1 
ATOM   203 C CA  . TYR A 1 28 ? 4.374   -0.228  -8.338  1.00 6.21  ? 28  TYR A CA  1 
ATOM   204 C C   . TYR A 1 28 ? 3.606   0.035   -9.637  1.00 6.37  ? 28  TYR A C   1 
ATOM   205 O O   . TYR A 1 28 ? 2.866   -0.803  -10.182 1.00 6.45  ? 28  TYR A O   1 
ATOM   206 C CB  . TYR A 1 28 ? 4.324   -1.683  -7.942  1.00 6.38  ? 28  TYR A CB  1 
ATOM   207 C CG  . TYR A 1 28 ? 5.245   -2.012  -6.789  1.00 5.15  ? 28  TYR A CG  1 
ATOM   208 C CD1 . TYR A 1 28 ? 4.795   -2.815  -5.716  1.00 6.35  ? 28  TYR A CD1 1 
ATOM   209 C CD2 . TYR A 1 28 ? 6.589   -1.600  -6.785  1.00 7.21  ? 28  TYR A CD2 1 
ATOM   210 C CE1 . TYR A 1 28 ? 5.634   -3.207  -4.715  1.00 7.27  ? 28  TYR A CE1 1 
ATOM   211 C CE2 . TYR A 1 28 ? 7.451   -1.994  -5.749  1.00 6.84  ? 28  TYR A CE2 1 
ATOM   212 C CZ  . TYR A 1 28 ? 6.967   -2.783  -4.752  1.00 6.47  ? 28  TYR A CZ  1 
ATOM   213 O OH  . TYR A 1 28 ? 7.847   -3.193  -3.781  1.00 7.94  ? 28  TYR A OH  1 
ATOM   214 N N   . ARG A 1 29 ? 3.756   1.274   -10.107 1.00 7.49  ? 29  ARG A N   1 
ATOM   215 C CA  . ARG A 1 29 ? 3.183   1.742   -11.384 1.00 8.56  ? 29  ARG A CA  1 
ATOM   216 C C   . ARG A 1 29 ? 1.673   1.591   -11.272 1.00 8.51  ? 29  ARG A C   1 
ATOM   217 O O   . ARG A 1 29 ? 1.000   1.316   -12.280 1.00 10.36 ? 29  ARG A O   1 
ATOM   218 C CB  . ARG A 1 29 ? 3.741   0.960   -12.596 1.00 11.62 ? 29  ARG A CB  1 
ATOM   219 C CG  . ARG A 1 29 ? 5.298   1.170   -12.780 1.00 13.49 ? 29  ARG A CG  1 
ATOM   220 C CD  . ARG A 1 29 ? 5.581   2.513   -13.348 1.00 19.14 ? 29  ARG A CD  1 
ATOM   221 N NE  . ARG A 1 29 ? 5.290   2.568   -14.798 1.00 20.14 ? 29  ARG A NE  1 
ATOM   222 C CZ  . ARG A 1 29 ? 5.447   3.648   -15.560 1.00 18.63 ? 29  ARG A CZ  1 
ATOM   223 N NH1 . ARG A 1 29 ? 5.921   4.791   -15.029 1.00 21.89 ? 29  ARG A NH1 1 
ATOM   224 N NH2 . ARG A 1 29 ? 5.235   3.586   -16.931 1.00 20.52 ? 29  ARG A NH2 1 
ATOM   225 N N   . GLY A 1 30 ? 1.134   1.798   -10.058 1.00 8.88  ? 30  GLY A N   1 
ATOM   226 C CA  . GLY A 1 30 ? -0.321  1.788   -9.901  1.00 8.54  ? 30  GLY A CA  1 
ATOM   227 C C   . GLY A 1 30 ? -0.974  0.433   -9.784  1.00 8.87  ? 30  GLY A C   1 
ATOM   228 O O   . GLY A 1 30 ? -2.195  0.366   -9.653  1.00 11.31 ? 30  GLY A O   1 
ATOM   229 N N   . ARG A 1 31 ? -0.196  -0.652  -9.890  1.00 7.23  ? 31  ARG A N   1 
ATOM   230 C CA  . ARG A 1 31 ? -0.821  -1.979  -9.936  1.00 6.60  ? 31  ARG A CA  1 
ATOM   231 C C   . ARG A 1 31 ? -1.013  -2.631  -8.581  1.00 6.72  ? 31  ARG A C   1 
ATOM   232 O O   . ARG A 1 31 ? -1.721  -3.643  -8.458  1.00 8.23  ? 31  ARG A O   1 
ATOM   233 C CB  . ARG A 1 31 ? -0.033  -2.900  -10.894 1.00 7.16  ? 31  ARG A CB  1 
ATOM   234 C CG  . ARG A 1 31 ? -0.001  -2.346  -12.332 1.00 7.46  ? 31  ARG A CG  1 
ATOM   235 C CD  . ARG A 1 31 ? 0.568   -3.336  -13.288 1.00 7.81  ? 31  ARG A CD  1 
ATOM   236 N NE  . ARG A 1 31 ? 0.506   -2.770  -14.652 1.00 8.00  ? 31  ARG A NE  1 
ATOM   237 C CZ  . ARG A 1 31 ? 1.450   -2.005  -15.238 1.00 9.65  ? 31  ARG A CZ  1 
ATOM   238 N NH1 . ARG A 1 31 ? 2.659   -1.814  -14.708 1.00 10.00 ? 31  ARG A NH1 1 
ATOM   239 N NH2 . ARG A 1 31 ? 1.180   -1.417  -16.405 1.00 10.11 ? 31  ARG A NH2 1 
ATOM   240 N N   . ALA A 1 32 ? -0.330  -2.101  -7.566  1.00 4.75  ? 32  ALA A N   1 
ATOM   241 C CA  . ALA A 1 32 ? -0.524  -2.552  -6.187  1.00 4.37  ? 32  ALA A CA  1 
ATOM   242 C C   . ALA A 1 32 ? -1.150  -1.438  -5.364  1.00 3.81  ? 32  ALA A C   1 
ATOM   243 O O   . ALA A 1 32 ? -1.293  -0.300  -5.844  1.00 4.98  ? 32  ALA A O   1 
ATOM   244 C CB  . ALA A 1 32 ? 0.877   -2.956  -5.603  1.00 5.06  ? 32  ALA A CB  1 
ATOM   245 N N   . ARG A 1 33 ? -1.535  -1.818  -4.158  1.00 4.40  ? 33  ARG A N   1 
ATOM   246 C CA  . ARG A 1 33 ? -2.140  -0.848  -3.232  1.00 4.72  ? 33  ARG A CA  1 
ATOM   247 C C   . ARG A 1 33 ? -1.275  -0.664  -1.993  1.00 3.62  ? 33  ARG A C   1 
ATOM   248 O O   . ARG A 1 33 ? -0.643  -1.613  -1.549  1.00 5.36  ? 33  ARG A O   1 
ATOM   249 C CB  . ARG A 1 33 ? -3.580  -1.263  -2.863  1.00 5.34  ? 33  ARG A CB  1 
ATOM   250 C CG  . ARG A 1 33 ? -3.676  -2.621  -2.242  1.00 6.52  ? 33  ARG A CG  1 
ATOM   251 C CD  . ARG A 1 33 ? -5.145  -3.150  -2.194  1.00 6.98  ? 33  ARG A CD  1 
ATOM   252 N NE  . ARG A 1 33 ? -5.863  -3.096  -3.469  1.00 5.30  ? 33  ARG A NE  1 
ATOM   253 C CZ  . ARG A 1 33 ? -5.669  -3.922  -4.486  1.00 5.99  ? 33  ARG A CZ  1 
ATOM   254 N NH1 . ARG A 1 33 ? -4.813  -4.931  -4.323  1.00 7.72  ? 33  ARG A NH1 1 
ATOM   255 N NH2 . ARG A 1 33 ? -6.291  -3.772  -5.643  1.00 6.51  ? 33  ARG A NH2 1 
ATOM   256 N N   . CYS A 1 34 ? -1.238  0.557   -1.465  1.00 3.95  ? 34  CYS A N   1 
ATOM   257 C CA  . CYS A 1 34 ? -0.541  0.833   -0.211  1.00 4.70  ? 34  CYS A CA  1 
ATOM   258 C C   . CYS A 1 34 ? -1.538  0.673   0.922   1.00 4.22  ? 34  CYS A C   1 
ATOM   259 O O   . CYS A 1 34 ? -2.574  1.343   0.901   1.00 5.87  ? 34  CYS A O   1 
ATOM   260 C CB  . CYS A 1 34 ? -0.062  2.256   -0.203  1.00 5.84  ? 34  CYS A CB  1 
ATOM   261 S SG  . CYS A 1 34 ? 0.837   2.704   1.316   1.00 7.70  ? 34  CYS A SG  1 
ATOM   262 N N   . CYS A 1 35 ? -1.239  -0.191  1.889   1.00 4.44  ? 35  CYS A N   1 
ATOM   263 C CA  . CYS A 1 35 ? -2.132  -0.465  2.999   1.00 5.10  ? 35  CYS A CA  1 
ATOM   264 C C   . CYS A 1 35 ? -1.498  -0.025  4.302   1.00 5.59  ? 35  CYS A C   1 
ATOM   265 O O   . CYS A 1 35 ? -0.311  -0.266  4.531   1.00 5.69  ? 35  CYS A O   1 
ATOM   266 C CB  . CYS A 1 35 ? -2.403  -1.988  3.078   1.00 6.30  ? 35  CYS A CB  1 
ATOM   267 S SG  . CYS A 1 35 ? -3.062  -2.688  1.519   1.00 7.13  ? 35  CYS A SG  1 
ATOM   268 N N   . ARG A 1 36 ? -2.310  0.575   5.169   1.00 6.73  ? 36  ARG A N   1 
ATOM   269 C CA  . ARG A 1 36 ? -1.821  1.039   6.497   1.00 7.57  ? 36  ARG A CA  1 
ATOM   270 C C   . ARG A 1 36 ? -2.967  1.031   7.489   1.00 9.10  ? 36  ARG A C   1 
ATOM   271 O O   . ARG A 1 36 ? -2.712  0.686   8.660   1.00 10.41 ? 36  ARG A O   1 
ATOM   272 C CB  . ARG A 1 36 ? -1.245  2.433   6.394   1.00 9.62  ? 36  ARG A CB  1 
ATOM   273 C CG  . ARG A 1 36 ? -0.495  2.866   7.701   1.00 11.11 ? 36  ARG A CG  1 
ATOM   274 C CD  . ARG A 1 36 ? 0.053   4.297   7.584   1.00 13.22 ? 36  ARG A CD  1 
ATOM   275 N NE  . ARG A 1 36 ? -1.062  5.233   7.367   1.00 20.31 ? 36  ARG A NE  1 
ATOM   276 C CZ  . ARG A 1 36 ? -1.318  6.384   7.962   1.00 29.98 ? 36  ARG A CZ  1 
ATOM   277 N NH1 . ARG A 1 36 ? -0.597  6.823   9.005   1.00 35.67 ? 36  ARG A NH1 1 
ATOM   278 N NH2 . ARG A 1 36 ? -2.371  7.081   7.530   1.00 30.28 ? 36  ARG A NH2 1 
ATOM   279 O OXT . ARG A 1 36 ? -4.138  1.314   7.130   1.00 9.51  ? 36  ARG A OXT 1 
HETATM 280 S S   . SO4 B 2 .  ? 0.024   7.497   -4.621  1.00 13.20 ? 91  SO4 A S   1 
HETATM 281 O O1  . SO4 B 2 .  ? 1.463   7.451   -4.886  1.00 21.09 ? 91  SO4 A O1  1 
HETATM 282 O O2  . SO4 B 2 .  ? -0.641  6.753   -5.697  1.00 20.25 ? 91  SO4 A O2  1 
HETATM 283 O O3  . SO4 B 2 .  ? -0.511  8.830   -4.470  1.00 13.69 ? 91  SO4 A O3  1 
HETATM 284 O O4  . SO4 B 2 .  ? -0.252  6.708   -3.406  1.00 16.40 ? 91  SO4 A O4  1 
HETATM 285 S S   . SO4 C 2 .  ? 6.753   2.700   -7.823  1.00 18.25 ? 92  SO4 A S   1 
HETATM 286 O O1  . SO4 C 2 .  ? 7.463   1.460   -8.274  1.00 21.59 ? 92  SO4 A O1  1 
HETATM 287 O O2  . SO4 C 2 .  ? 5.932   2.809   -8.990  1.00 15.72 ? 92  SO4 A O2  1 
HETATM 288 O O3  . SO4 C 2 .  ? 7.593   3.879   -7.584  1.00 16.61 ? 92  SO4 A O3  1 
HETATM 289 O O4  . SO4 C 2 .  ? 5.991   2.375   -6.612  1.00 10.61 ? 92  SO4 A O4  1 
HETATM 290 S S   . SO4 D 2 .  ? -2.251  -3.011  -17.280 1.00 15.73 ? 93  SO4 A S   1 
HETATM 291 O O1  . SO4 D 2 .  ? -1.219  -2.217  -17.974 1.00 19.87 ? 93  SO4 A O1  1 
HETATM 292 O O2  . SO4 D 2 .  ? -3.555  -2.528  -17.695 1.00 17.51 ? 93  SO4 A O2  1 
HETATM 293 O O3  . SO4 D 2 .  ? -2.045  -2.941  -15.819 1.00 17.69 ? 93  SO4 A O3  1 
HETATM 294 O O4  . SO4 D 2 .  ? -2.118  -4.431  -17.651 1.00 22.95 ? 93  SO4 A O4  1 
HETATM 295 S S   . SO4 E 2 .  ? -14.302 1.686   7.007   1.00 17.45 ? 94  SO4 A S   1 
HETATM 296 O O1  . SO4 E 2 .  ? -12.924 1.867   7.472   1.00 20.10 ? 94  SO4 A O1  1 
HETATM 297 O O2  . SO4 E 2 .  ? -14.463 2.676   5.962   1.00 23.21 ? 94  SO4 A O2  1 
HETATM 298 O O3  . SO4 E 2 .  ? -15.301 2.092   8.015   1.00 23.80 ? 94  SO4 A O3  1 
HETATM 299 O O4  . SO4 E 2 .  ? -14.558 0.337   6.528   1.00 28.56 ? 94  SO4 A O4  1 
HETATM 300 O O   . HOH F 3 .  ? -8.714  -4.306  4.732   1.00 7.85  ? 95  HOH A O   1 
HETATM 301 O O   . HOH F 3 .  ? 6.467   0.451   6.144   1.00 9.36  ? 96  HOH A O   1 
HETATM 302 O O   . HOH F 3 .  ? 8.190   7.052   9.290   1.00 9.10  ? 97  HOH A O   1 
HETATM 303 O O   . HOH F 3 .  ? -5.965  -5.736  -7.698  1.00 12.30 ? 98  HOH A O   1 
HETATM 304 O O   . HOH F 3 .  ? 3.371   -3.650  -10.588 1.00 8.79  ? 99  HOH A O   1 
HETATM 305 O O   . HOH F 3 .  ? 7.110   -4.213  -1.225  1.00 14.26 ? 100 HOH A O   1 
HETATM 306 O O   . HOH F 3 .  ? -0.605  -0.351  10.075  1.00 10.74 ? 101 HOH A O   1 
HETATM 307 O O   . HOH F 3 .  ? 10.413  -3.243  -4.458  1.00 13.45 ? 102 HOH A O   1 
HETATM 308 O O   . HOH F 3 .  ? 2.246   3.354   -7.852  1.00 14.08 ? 103 HOH A O   1 
HETATM 309 O O   . HOH F 3 .  ? 8.834   4.096   -5.203  1.00 12.13 ? 104 HOH A O   1 
HETATM 310 O O   . HOH F 3 .  ? 8.970   3.639   7.768   1.00 10.78 ? 105 HOH A O   1 
HETATM 311 O O   . HOH F 3 .  ? 5.829   -2.447  0.537   1.00 9.17  ? 106 HOH A O   1 
HETATM 312 O O   . HOH F 3 .  ? 1.004   10.651  -5.836  1.00 11.62 ? 107 HOH A O   1 
HETATM 313 O O   . HOH F 3 .  ? -5.864  -8.057  -6.300  1.00 13.92 ? 108 HOH A O   1 
HETATM 314 O O   . HOH F 3 .  ? 9.436   10.957  -1.470  1.00 14.90 ? 109 HOH A O   1 
HETATM 315 O O   . HOH F 3 .  ? -6.700  -9.206  3.741   1.00 15.49 ? 110 HOH A O   1 
HETATM 316 O O   . HOH F 3 .  ? 1.421   5.305   -1.872  1.00 15.57 ? 111 HOH A O   1 
HETATM 317 O O   . HOH F 3 .  ? 10.396  1.444   -5.093  1.00 18.49 ? 112 HOH A O   1 
HETATM 318 O O   . HOH F 3 .  ? 7.602   -2.017  5.155   1.00 12.25 ? 113 HOH A O   1 
HETATM 319 O O   . HOH F 3 .  ? 0.349   5.778   3.236   1.00 14.11 ? 114 HOH A O   1 
HETATM 320 O O   . HOH F 3 .  ? 1.685   1.683   10.335  1.00 15.72 ? 115 HOH A O   1 
HETATM 321 O O   . HOH F 3 .  ? 4.050   -3.954  -13.153 1.00 11.05 ? 116 HOH A O   1 
HETATM 322 O O   . HOH F 3 .  ? -7.115  6.140   3.083   1.00 15.94 ? 117 HOH A O   1 
HETATM 323 O O   . HOH F 3 .  ? -4.209  -1.355  -11.758 1.00 26.52 ? 118 HOH A O   1 
HETATM 324 O O   . HOH F 3 .  ? -1.675  7.970   4.095   1.00 20.80 ? 119 HOH A O   1 
HETATM 325 O O   . HOH F 3 .  ? -7.177  -10.507 -1.598  1.00 20.68 ? 120 HOH A O   1 
HETATM 326 O O   . HOH F 3 .  ? -13.670 -0.107  3.032   1.00 25.57 ? 121 HOH A O   1 
HETATM 327 O O   . HOH F 3 .  ? -3.775  -9.676  1.195   1.00 23.68 ? 122 HOH A O   1 
HETATM 328 O O   . HOH F 3 .  ? 0.447   -3.031  -20.058 1.00 22.83 ? 123 HOH A O   1 
HETATM 329 O O   . HOH F 3 .  ? -0.644  5.271   -9.657  1.00 28.99 ? 124 HOH A O   1 
HETATM 330 O O   . HOH F 3 .  ? -0.170  -9.581  -2.449  1.00 28.19 ? 125 HOH A O   1 
HETATM 331 O O   . HOH F 3 .  ? 4.766   4.897   10.651  1.00 15.70 ? 126 HOH A O   1 
HETATM 332 O O   . HOH F 3 .  ? 8.455   8.979   -4.168  1.00 32.94 ? 127 HOH A O   1 
HETATM 333 O O   . HOH F 3 .  ? -1.390  1.159   -13.628 1.00 26.79 ? 128 HOH A O   1 
HETATM 334 O O   . HOH F 3 .  ? -7.674  0.295   9.556   1.00 25.57 ? 129 HOH A O   1 
HETATM 335 O O   . HOH F 3 .  ? 7.800   0.216   -10.279 1.00 27.87 ? 130 HOH A O   1 
HETATM 336 O O   . HOH F 3 .  ? -4.563  0.638   10.501  1.00 25.75 ? 131 HOH A O   1 
HETATM 337 O O   . HOH F 3 .  ? -11.606 1.713   9.792   1.00 24.52 ? 132 HOH A O   1 
HETATM 338 O O   . HOH F 3 .  ? -1.411  -5.816  -19.675 1.00 27.18 ? 133 HOH A O   1 
HETATM 339 O O   . HOH F 3 .  ? 3.708   9.833   -5.896  1.00 25.28 ? 134 HOH A O   1 
HETATM 340 O O   . HOH F 3 .  ? -3.542  -3.912  -10.631 1.00 23.05 ? 135 HOH A O   1 
HETATM 341 O O   . HOH F 3 .  ? 3.731   -6.323  1.554   1.00 20.84 ? 136 HOH A O   1 
HETATM 342 O O   . HOH F 3 .  ? -3.898  2.565   -9.758  1.00 25.90 ? 137 HOH A O   1 
HETATM 343 O O   . HOH F 3 .  ? -5.540  8.047   5.719   1.00 27.47 ? 138 HOH A O   1 
HETATM 344 O O   . HOH F 3 .  ? -2.721  -5.740  -9.889  1.00 36.24 ? 139 HOH A O   1 
HETATM 345 O O   . HOH F 3 .  ? -0.009  -8.317  12.769  1.00 9.65  ? 140 HOH A O   1 
HETATM 346 O O   . HOH F 3 .  ? 2.087   7.980   8.447   1.00 28.59 ? 141 HOH A O   1 
HETATM 347 O O   . HOH F 3 .  ? -1.458  -9.774  8.304   1.00 28.45 ? 142 HOH A O   1 
HETATM 348 O O   . HOH F 3 .  ? 10.774  5.865   -5.937  1.00 29.91 ? 143 HOH A O   1 
HETATM 349 O O   . HOH F 3 .  ? 2.329   -7.253  6.425   1.00 30.34 ? 144 HOH A O   1 
HETATM 350 O O   . HOH F 3 .  ? -3.258  -5.306  -6.947  1.00 19.96 ? 145 HOH A O   1 
HETATM 351 O O   . HOH F 3 .  ? -5.081  8.636   0.437   1.00 22.11 ? 146 HOH A O   1 
HETATM 352 O O   . HOH F 3 .  ? 9.580   3.940   -9.310  1.00 29.72 ? 147 HOH A O   1 
HETATM 353 O O   . HOH F 3 .  ? 6.841   5.662   -12.429 1.00 33.47 ? 148 HOH A O   1 
HETATM 354 O O   . HOH F 3 .  ? 4.144   4.806   -8.968  1.00 39.35 ? 149 HOH A O   1 
HETATM 355 O O   . HOH F 3 .  ? -1.517  -9.615  3.471   1.00 32.98 ? 150 HOH A O   1 
HETATM 356 O O   . HOH F 3 .  ? -3.369  4.663   8.967   1.00 37.33 ? 151 HOH A O   1 
HETATM 357 O O   . HOH F 3 .  ? -1.953  -12.924 -0.275  1.00 40.96 ? 152 HOH A O   1 
HETATM 358 O O   . HOH F 3 .  ? 7.292   6.804   -8.291  1.00 31.65 ? 153 HOH A O   1 
HETATM 359 O O   . HOH F 3 .  ? 2.066   -6.338  3.810   1.00 26.78 ? 154 HOH A O   1 
HETATM 360 O O   . HOH F 3 .  ? -3.128  -0.710  -14.085 1.00 26.35 ? 155 HOH A O   1 
HETATM 361 O O   . HOH F 3 .  ? -14.335 6.126   5.835   1.00 37.73 ? 156 HOH A O   1 
HETATM 362 O O   . HOH F 3 .  ? -0.180  7.237   -8.172  1.00 33.32 ? 157 HOH A O   1 
HETATM 363 O O   . HOH F 3 .  ? -4.278  -10.718 6.230   1.00 31.38 ? 158 HOH A O   1 
HETATM 364 O O   . HOH F 3 .  ? -2.632  8.993   9.446   1.00 61.00 ? 159 HOH A O   1 
HETATM 365 O O   . HOH F 3 .  ? -9.462  -1.858  10.117  1.00 32.09 ? 160 HOH A O   1 
HETATM 366 O O   . HOH F 3 .  ? 2.280   6.437   -7.284  1.00 38.22 ? 161 HOH A O   1 
HETATM 367 O O   . HOH F 3 .  ? -15.366 2.545   10.860  1.00 42.67 ? 162 HOH A O   1 
HETATM 368 O O   . HOH F 3 .  ? -4.644  -1.198  12.794  1.00 29.43 ? 163 HOH A O   1 
HETATM 369 O O   . HOH F 3 .  ? -15.724 -3.439  6.473   1.00 40.34 ? 164 HOH A O   1 
HETATM 370 O O   . HOH F 3 .  ? 0.604   -8.153  4.590   1.00 35.17 ? 165 HOH A O   1 
HETATM 371 O O   . HOH F 3 .  ? 1.850   4.946   -11.637 1.00 31.00 ? 166 HOH A O   1 
HETATM 372 O O   . HOH F 3 .  ? 1.071   6.839   10.814  1.00 54.65 ? 167 HOH A O   1 
HETATM 373 O O   . HOH F 3 .  ? -5.271  -11.908 1.206   1.00 39.54 ? 168 HOH A O   1 
HETATM 374 O O   . HOH F 3 .  ? 7.625   -6.727  6.577   1.00 39.97 ? 169 HOH A O   1 
HETATM 375 O O   . HOH F 3 .  ? -5.044  -4.313  -19.204 1.00 51.35 ? 170 HOH A O   1 
HETATM 376 O O   . HOH F 3 .  ? 4.755   -7.985  5.944   1.00 39.31 ? 171 HOH A O   1 
HETATM 377 O O   . HOH F 3 .  ? -14.555 4.850   9.915   1.00 65.45 ? 172 HOH A O   1 
HETATM 378 O O   . HOH F 3 .  ? -13.026 -4.870  6.987   1.00 44.45 ? 173 HOH A O   1 
HETATM 379 O O   . HOH F 3 .  ? -1.102  1.314   -16.668 1.00 39.71 ? 174 HOH A O   1 
HETATM 380 O O   . HOH F 3 .  ? -3.385  -6.995  -7.955  1.00 36.04 ? 175 HOH A O   1 
# 
loop_
_atom_site_anisotrop.id 
_atom_site_anisotrop.type_symbol 
_atom_site_anisotrop.pdbx_label_atom_id 
_atom_site_anisotrop.pdbx_label_alt_id 
_atom_site_anisotrop.pdbx_label_comp_id 
_atom_site_anisotrop.pdbx_label_asym_id 
_atom_site_anisotrop.pdbx_label_seq_id 
_atom_site_anisotrop.pdbx_PDB_ins_code 
_atom_site_anisotrop.U[1][1] 
_atom_site_anisotrop.U[2][2] 
_atom_site_anisotrop.U[3][3] 
_atom_site_anisotrop.U[1][2] 
_atom_site_anisotrop.U[1][3] 
_atom_site_anisotrop.U[2][3] 
_atom_site_anisotrop.pdbx_auth_seq_id 
_atom_site_anisotrop.pdbx_auth_comp_id 
_atom_site_anisotrop.pdbx_auth_asym_id 
_atom_site_anisotrop.pdbx_auth_atom_id 
1   N N   . ASP A 1  ? 0.1986 0.1582 0.2181 0.0379  -0.0200 0.0212  1   ASP A N   
2   C CA  . ASP A 1  ? 0.1414 0.1216 0.1190 0.0064  -0.0158 0.0280  1   ASP A CA  
3   C C   . ASP A 1  ? 0.0775 0.0791 0.1128 -0.0033 -0.0212 0.0166  1   ASP A C   
4   O O   . ASP A 1  ? 0.0839 0.0696 0.1033 0.0086  -0.0087 0.0040  1   ASP A O   
5   C CB  . ASP A 1  ? 0.1556 0.1521 0.1280 -0.0281 -0.0185 0.0193  1   ASP A CB  
6   C CG  . ASP A 1  ? 0.1974 0.1930 0.1460 -0.0338 -0.0214 0.0402  1   ASP A CG  
7   O OD1 . ASP A 1  ? 0.2218 0.1032 0.1227 -0.0344 -0.0275 0.0346  1   ASP A OD1 
8   O OD2 . ASP A 1  ? 0.2633 0.2841 0.1769 -0.0923 -0.0175 0.0585  1   ASP A OD2 
9   N N   . HIS A 2  ? 0.0851 0.0612 0.0947 0.0008  -0.0150 0.0055  2   HIS A N   
10  C CA  . HIS A 2  ? 0.0741 0.0550 0.0878 -0.0112 -0.0039 -0.0107 2   HIS A CA  
11  C C   . HIS A 2  ? 0.0693 0.0411 0.0742 0.0075  -0.0033 -0.0063 2   HIS A C   
12  O O   . HIS A 2  ? 0.0866 0.0490 0.0464 -0.0024 -0.0067 -0.0017 2   HIS A O   
13  C CB  . HIS A 2  ? 0.1030 0.0650 0.1001 0.0126  -0.0057 -0.0157 2   HIS A CB  
14  C CG  . HIS A 2  ? 0.0690 0.0904 0.0857 -0.0013 -0.0145 -0.0238 2   HIS A CG  
15  N ND1 . HIS A 2  ? 0.0862 0.1434 0.1658 0.0011  0.0075  0.0243  2   HIS A ND1 
16  C CD2 . HIS A 2  ? 0.0845 0.0932 0.0843 0.0100  -0.0080 0.0021  2   HIS A CD2 
17  C CE1 . HIS A 2  ? 0.1328 0.1091 0.1113 0.0265  0.0019  0.0079  2   HIS A CE1 
18  N NE2 . HIS A 2  ? 0.1028 0.0781 0.1095 0.0262  0.0091  -0.0126 2   HIS A NE2 
19  N N   . TYR A 3  ? 0.0527 0.0551 0.0765 0.0031  -0.0090 0.0019  3   TYR A N   
20  C CA  . TYR A 3  ? 0.0593 0.0351 0.0613 -0.0002 0.0017  -0.0052 3   TYR A CA  
21  C C   . TYR A 3  ? 0.0552 0.0413 0.0746 0.0008  -0.0011 0.0023  3   TYR A C   
22  O O   . TYR A 3  ? 0.0798 0.0385 0.0647 0.0124  -0.0097 0.0085  3   TYR A O   
23  C CB  . TYR A 3  ? 0.0680 0.0615 0.1033 -0.0271 0.0034  -0.0083 3   TYR A CB  
24  C CG  . TYR A 3  ? 0.0858 0.0481 0.0655 0.0094  -0.0099 0.0076  3   TYR A CG  
25  C CD1 . TYR A 3  ? 0.0668 0.0832 0.0856 -0.0002 -0.0327 0.0114  3   TYR A CD1 
26  C CD2 . TYR A 3  ? 0.0986 0.0578 0.1199 -0.0131 -0.0227 -0.0009 3   TYR A CD2 
27  C CE1 . TYR A 3  ? 0.0831 0.0675 0.1043 0.0127  -0.0003 0.0008  3   TYR A CE1 
28  C CE2 . TYR A 3  ? 0.0637 0.0753 0.1093 0.0016  -0.0131 0.0142  3   TYR A CE2 
29  C CZ  . TYR A 3  ? 0.0888 0.0376 0.0789 0.0078  -0.0154 0.0087  3   TYR A CZ  
30  O OH  . TYR A 3  ? 0.0823 0.0591 0.1243 0.0037  -0.0135 -0.0076 3   TYR A OH  
31  N N   . ASN A 4  ? 0.0530 0.0540 0.0829 -0.0029 -0.0108 0.0038  4   ASN A N   
32  C CA  . ASN A 4  ? 0.0778 0.0385 0.0684 0.0134  -0.0121 0.0168  4   ASN A CA  
33  C C   . ASN A 4  ? 0.0587 0.0306 0.0487 0.0133  -0.0211 -0.0086 4   ASN A C   
34  O O   . ASN A 4  ? 0.0788 0.0597 0.0649 0.0105  -0.0162 -0.0202 4   ASN A O   
35  C CB  . ASN A 4  ? 0.0849 0.0428 0.0894 0.0147  -0.0169 0.0244  4   ASN A CB  
36  C CG  . ASN A 4  ? 0.0669 0.0464 0.0900 -0.0075 -0.0194 0.0039  4   ASN A CG  
37  O OD1 . ASN A 4  ? 0.1017 0.0675 0.1271 -0.0068 -0.0183 0.0158  4   ASN A OD1 
38  N ND2 . ASN A 4  ? 0.1110 0.0695 0.0890 0.0374  -0.0136 0.0313  4   ASN A ND2 
39  N N   . CYS A 5  ? 0.0534 0.0366 0.0792 -0.0137 -0.0091 -0.0109 5   CYS A N   
40  C CA  . CYS A 5  ? 0.0670 0.0488 0.0807 -0.0148 -0.0027 0.0036  5   CYS A CA  
41  C C   . CYS A 5  ? 0.0390 0.0424 0.0811 -0.0146 0.0069  0.0014  5   CYS A C   
42  O O   . CYS A 5  ? 0.0733 0.0501 0.0791 -0.0090 0.0091  0.0033  5   CYS A O   
43  C CB  . CYS A 5  ? 0.0951 0.0409 0.0930 -0.0286 0.0056  0.0040  5   CYS A CB  
44  S SG  . CYS A 5  ? 0.1110 0.0737 0.1000 -0.0306 -0.0028 -0.0045 5   CYS A SG  
45  N N   . VAL A 6  ? 0.0503 0.0361 0.0802 0.0039  -0.0115 -0.0002 6   VAL A N   
46  C CA  . VAL A 6  ? 0.0662 0.0540 0.0747 -0.0067 -0.0176 -0.0111 6   VAL A CA  
47  C C   . VAL A 6  ? 0.0627 0.0364 0.0680 -0.0096 -0.0066 -0.0125 6   VAL A C   
48  O O   . VAL A 6  ? 0.0724 0.0546 0.0660 0.0057  -0.0136 0.0058  6   VAL A O   
49  C CB  . VAL A 6  ? 0.0733 0.0598 0.0819 0.0070  -0.0202 -0.0044 6   VAL A CB  
50  C CG1 . VAL A 6  ? 0.1078 0.0602 0.0872 0.0178  -0.0267 0.0228  6   VAL A CG1 
51  C CG2 . VAL A 6  ? 0.1259 0.0674 0.0858 0.0271  -0.0196 -0.0219 6   VAL A CG2 
52  N N   . SER A 7  ? 0.0490 0.0346 0.0631 0.0091  -0.0164 -0.0055 7   SER A N   
53  C CA  . SER A 7  ? 0.0651 0.0424 0.0650 0.0025  -0.0037 -0.0091 7   SER A CA  
54  C C   . SER A 7  ? 0.0715 0.0458 0.0787 0.0033  -0.0187 -0.0148 7   SER A C   
55  O O   . SER A 7  ? 0.0712 0.0823 0.0869 0.0052  -0.0112 -0.0234 7   SER A O   
56  C CB  . SER A 7  ? 0.0816 0.0554 0.0871 -0.0086 -0.0055 -0.0035 7   SER A CB  
57  O OG  . SER A 7  ? 0.0926 0.0353 0.0903 0.0014  0.0048  -0.0011 7   SER A OG  
58  N N   . SER A 8  ? 0.0592 0.0568 0.0843 0.0097  -0.0159 -0.0203 8   SER A N   
59  C CA  . SER A 8  ? 0.0601 0.0614 0.1064 0.0103  -0.0016 -0.0099 8   SER A CA  
60  C C   . SER A 8  ? 0.0926 0.0711 0.0747 0.0157  -0.0053 -0.0200 8   SER A C   
61  O O   . SER A 8  ? 0.1160 0.1102 0.1220 0.0325  0.0192  -0.0110 8   SER A O   
62  C CB  . SER A 8  ? 0.0901 0.0868 0.1223 0.0209  -0.0145 -0.0142 8   SER A CB  
63  O OG  . SER A 8  ? 0.1005 0.1519 0.1176 0.0581  -0.0298 -0.0472 8   SER A OG  
64  N N   . GLY A 9  ? 0.0943 0.0646 0.0741 0.0072  -0.0182 -0.0056 9   GLY A N   
65  C CA  . GLY A 9  ? 0.0985 0.0749 0.0830 0.0013  -0.0051 -0.0057 9   GLY A CA  
66  C C   . GLY A 9  ? 0.0735 0.0458 0.0680 0.0228  -0.0001 -0.0047 9   GLY A C   
67  O O   . GLY A 9  ? 0.1071 0.0882 0.0887 -0.0133 -0.0086 0.0018  9   GLY A O   
68  N N   . GLY A 10 ? 0.0945 0.0651 0.0651 -0.0029 -0.0030 -0.0215 10  GLY A N   
69  C CA  . GLY A 10 ? 0.0997 0.0407 0.0891 0.0090  -0.0034 -0.0169 10  GLY A CA  
70  C C   . GLY A 10 ? 0.0803 0.0518 0.0540 -0.0023 0.0083  0.0008  10  GLY A C   
71  O O   . GLY A 10 ? 0.0714 0.0804 0.0920 -0.0047 0.0073  -0.0191 10  GLY A O   
72  N N   . GLN A 11 ? 0.0875 0.0701 0.0446 -0.0001 -0.0030 -0.0217 11  GLN A N   
73  C CA  . GLN A 11 ? 0.0701 0.0780 0.0518 0.0195  -0.0117 -0.0125 11  GLN A CA  
74  C C   . GLN A 11 ? 0.0640 0.0397 0.0423 0.0181  -0.0011 -0.0024 11  GLN A C   
75  O O   . GLN A 11 ? 0.0468 0.0865 0.0754 0.0257  0.0001  -0.0045 11  GLN A O   
76  C CB  . GLN A 11 ? 0.1335 0.0992 0.0795 0.0192  -0.0056 -0.0017 11  GLN A CB  
77  C CG  . GLN A 11 ? 0.1098 0.1209 0.1132 -0.0024 -0.0147 0.0082  11  GLN A CG  
78  C CD  . GLN A 11 ? 0.1899 0.1540 0.1623 0.0084  -0.0002 0.0073  11  GLN A CD  
79  O OE1 . GLN A 11 ? 0.1751 0.1719 0.1996 0.0583  -0.0202 0.0008  11  GLN A OE1 
80  N NE2 . GLN A 11 ? 0.1604 0.1423 0.1486 0.0026  -0.0068 0.0270  11  GLN A NE2 
81  N N   . CYS A 12 ? 0.0608 0.0604 0.0582 0.0247  -0.0066 -0.0146 12  CYS A N   
82  C CA  . CYS A 12 ? 0.0964 0.0541 0.0691 0.0000  0.0076  -0.0236 12  CYS A CA  
83  C C   . CYS A 12 ? 0.0495 0.0321 0.0808 0.0052  0.0019  -0.0144 12  CYS A C   
84  O O   . CYS A 12 ? 0.0528 0.0581 0.0994 0.0273  0.0066  -0.0134 12  CYS A O   
85  C CB  . CYS A 12 ? 0.1122 0.0641 0.0705 -0.0254 0.0048  -0.0107 12  CYS A CB  
86  S SG  . CYS A 12 ? 0.0958 0.0897 0.1078 -0.0119 -0.0009 -0.0011 12  CYS A SG  
87  N N   . LEU A 13 ? 0.0633 0.0622 0.0905 0.0020  -0.0078 -0.0198 13  LEU A N   
88  C CA  . LEU A 13 ? 0.0653 0.0525 0.0793 -0.0097 -0.0091 -0.0206 13  LEU A CA  
89  C C   . LEU A 13 ? 0.0577 0.0659 0.0778 0.0105  0.0096  -0.0175 13  LEU A C   
90  O O   . LEU A 13 ? 0.0771 0.0425 0.0939 0.0091  -0.0114 -0.0203 13  LEU A O   
91  C CB  . LEU A 13 ? 0.1256 0.1014 0.1148 -0.0322 -0.0145 0.0090  13  LEU A CB  
92  C CG  . LEU A 13 ? 0.1862 0.1883 0.1251 0.0105  -0.0097 0.0432  13  LEU A CG  
93  C CD1 . LEU A 13 ? 0.2872 0.3702 0.2704 -0.0186 0.0251  0.0413  13  LEU A CD1 
94  C CD2 . LEU A 13 ? 0.2178 0.1830 0.2225 -0.0003 -0.0002 0.0074  13  LEU A CD2 
95  N N   . TYR A 14 ? 0.0753 0.0521 0.0816 -0.0016 -0.0015 -0.0180 14  TYR A N   
96  C CA  . TYR A 14 ? 0.0441 0.0742 0.0751 0.0151  -0.0056 -0.0288 14  TYR A CA  
97  C C   . TYR A 14 ? 0.0829 0.0628 0.0817 -0.0016 -0.0085 -0.0145 14  TYR A C   
98  O O   . TYR A 14 ? 0.1076 0.1827 0.1345 -0.0455 -0.0368 0.0348  14  TYR A O   
99  C CB  . TYR A 14 ? 0.0920 0.0366 0.0898 0.0154  0.0000  -0.0223 14  TYR A CB  
100 C CG  . TYR A 14 ? 0.0762 0.0366 0.0767 0.0173  0.0144  -0.0111 14  TYR A CG  
101 C CD1 . TYR A 14 ? 0.0876 0.0709 0.0775 0.0247  0.0293  -0.0254 14  TYR A CD1 
102 C CD2 . TYR A 14 ? 0.1121 0.0511 0.0775 0.0076  0.0005  -0.0245 14  TYR A CD2 
103 C CE1 . TYR A 14 ? 0.0930 0.0572 0.0862 0.0214  0.0181  -0.0317 14  TYR A CE1 
104 C CE2 . TYR A 14 ? 0.0535 0.0612 0.1109 0.0163  -0.0004 -0.0220 14  TYR A CE2 
105 C CZ  . TYR A 14 ? 0.0674 0.0323 0.0835 0.0115  0.0056  -0.0133 14  TYR A CZ  
106 O OH  . TYR A 14 ? 0.0738 0.0533 0.0980 0.0076  0.0114  -0.0200 14  TYR A OH  
107 N N   . SER A 15 ? 0.0994 0.0992 0.1108 -0.0251 0.0250  -0.0167 15  SER A N   
108 C CA  . SER A 15 ? 0.1282 0.1029 0.1293 -0.0237 0.0135  -0.0082 15  SER A CA  
109 C C   . SER A 15 ? 0.1037 0.0751 0.0900 -0.0167 0.0154  0.0028  15  SER A C   
110 O O   . SER A 15 ? 0.0880 0.0791 0.0631 -0.0058 -0.0081 0.0145  15  SER A O   
111 C CB  . SER A 15 ? 0.1733 0.1064 0.2073 -0.0144 0.0347  -0.0011 15  SER A CB  
112 O OG  . SER A 15 ? 0.2598 0.1729 0.2324 0.0373  0.0135  0.0640  15  SER A OG  
113 N N   . ALA A 16 ? 0.0857 0.0746 0.0741 -0.0093 0.0124  -0.0079 16  ALA A N   
114 C CA  . ALA A 16 ? 0.0819 0.0833 0.0600 -0.0033 0.0083  0.0020  16  ALA A CA  
115 C C   . ALA A 16 ? 0.0622 0.0731 0.0809 0.0102  -0.0074 0.0043  16  ALA A C   
116 O O   . ALA A 16 ? 0.0834 0.1059 0.0875 0.0108  -0.0123 0.0044  16  ALA A O   
117 C CB  . ALA A 16 ? 0.0777 0.1072 0.1093 -0.0146 0.0094  0.0017  16  ALA A CB  
118 N N   . CYS A 17 ? 0.0883 0.0741 0.0570 -0.0048 0.0001  0.0019  17  CYS A N   
119 C CA  . CYS A 17 ? 0.1166 0.0754 0.0485 0.0152  -0.0008 -0.0071 17  CYS A CA  
120 C C   . CYS A 17 ? 0.0691 0.0838 0.0733 0.0040  0.0111  -0.0037 17  CYS A C   
121 O O   . CYS A 17 ? 0.0777 0.0997 0.0683 -0.0055 0.0099  -0.0004 17  CYS A O   
122 C CB  . CYS A 17 ? 0.1051 0.0628 0.0883 0.0255  0.0020  0.0157  17  CYS A CB  
123 S SG  . CYS A 17 ? 0.1063 0.0830 0.0851 0.0121  -0.0058 0.0066  17  CYS A SG  
124 N N   . PRO A 18 ? 0.0706 0.0882 0.0700 -0.0047 0.0136  0.0194  18  PRO A N   
125 C CA  . PRO A 18 ? 0.0734 0.0971 0.0686 -0.0081 0.0104  0.0262  18  PRO A CA  
126 C C   . PRO A 18 ? 0.1004 0.0915 0.0357 -0.0194 0.0134  0.0186  18  PRO A C   
127 O O   . PRO A 18 ? 0.0835 0.0959 0.0627 -0.0224 0.0141  0.0166  18  PRO A O   
128 C CB  . PRO A 18 ? 0.0775 0.1186 0.0871 0.0159  -0.0050 0.0386  18  PRO A CB  
129 C CG  . PRO A 18 ? 0.1183 0.1352 0.0945 -0.0054 0.0031  0.0756  18  PRO A CG  
130 C CD  . PRO A 18 ? 0.0521 0.1115 0.0777 -0.0195 -0.0128 0.0273  18  PRO A CD  
131 N N   . ILE A 19 ? 0.0637 0.0769 0.0795 -0.0298 0.0190  0.0207  19  ILE A N   
132 C CA  . ILE A 19 ? 0.0801 0.0972 0.0772 -0.0225 -0.0005 0.0104  19  ILE A CA  
133 C C   . ILE A 19 ? 0.0912 0.0921 0.0714 -0.0002 0.0074  0.0076  19  ILE A C   
134 O O   . ILE A 19 ? 0.1047 0.1030 0.0991 -0.0021 0.0095  0.0154  19  ILE A O   
135 C CB  . ILE A 19 ? 0.0950 0.0837 0.0656 0.0063  0.0077  0.0285  19  ILE A CB  
136 C CG1 . ILE A 19 ? 0.0866 0.1414 0.0762 -0.0013 0.0130  0.0249  19  ILE A CG1 
137 C CG2 . ILE A 19 ? 0.1064 0.0980 0.0570 -0.0147 -0.0184 0.0340  19  ILE A CG2 
138 C CD1 . ILE A 19 ? 0.1196 0.1478 0.1192 -0.0264 -0.0088 0.0000  19  ILE A CD1 
139 N N   . PHE A 20 ? 0.0987 0.0875 0.0504 -0.0261 0.0100  0.0079  20  PHE A N   
140 C CA  . PHE A 20 ? 0.1213 0.0972 0.0626 -0.0246 -0.0054 0.0155  20  PHE A CA  
141 C C   . PHE A 20 ? 0.0939 0.0972 0.0719 -0.0006 0.0030  0.0111  20  PHE A C   
142 O O   . PHE A 20 ? 0.1608 0.0949 0.0881 -0.0226 -0.0068 0.0057  20  PHE A O   
143 C CB  . PHE A 20 ? 0.1154 0.1396 0.0523 -0.0027 -0.0013 0.0021  20  PHE A CB  
144 C CG  . PHE A 20 ? 0.1146 0.1112 0.0440 -0.0215 -0.0053 0.0341  20  PHE A CG  
145 C CD1 . PHE A 20 ? 0.0936 0.1206 0.0964 -0.0201 -0.0308 0.0374  20  PHE A CD1 
146 C CD2 . PHE A 20 ? 0.1438 0.0882 0.1103 0.0321  -0.0080 0.0364  20  PHE A CD2 
147 C CE1 . PHE A 20 ? 0.1310 0.1110 0.0663 0.0249  -0.0271 0.0225  20  PHE A CE1 
148 C CE2 . PHE A 20 ? 0.1035 0.1246 0.1172 0.0096  -0.0393 0.0063  20  PHE A CE2 
149 C CZ  . PHE A 20 ? 0.1152 0.1410 0.0994 0.0011  -0.0269 0.0051  20  PHE A CZ  
150 N N   . THR A 21 ? 0.0925 0.0811 0.0547 0.0129  -0.0004 0.0292  21  THR A N   
151 C CA  . THR A 21 ? 0.0840 0.0700 0.0869 0.0036  -0.0060 0.0124  21  THR A CA  
152 C C   . THR A 21 ? 0.0643 0.0700 0.0579 0.0006  -0.0020 0.0065  21  THR A C   
153 O O   . THR A 21 ? 0.0677 0.0781 0.0824 0.0041  -0.0005 0.0215  21  THR A O   
154 C CB  . THR A 21 ? 0.0980 0.0933 0.0930 0.0132  -0.0123 -0.0113 21  THR A CB  
155 O OG1 . THR A 21 ? 0.0847 0.0805 0.0727 0.0034  -0.0070 -0.0006 21  THR A OG1 
156 C CG2 . THR A 21 ? 0.1040 0.1226 0.0926 -0.0003 -0.0223 0.0085  21  THR A CG2 
157 N N   . ARG A 22 ? 0.0879 0.0723 0.0701 0.0132  0.0073  0.0323  22  ARG A N   
158 C CA  . ARG A 22 ? 0.0618 0.0758 0.0693 0.0252  0.0115  0.0203  22  ARG A CA  
159 C C   . ARG A 22 ? 0.0735 0.0729 0.0635 0.0165  -0.0022 0.0145  22  ARG A C   
160 O O   . ARG A 22 ? 0.0820 0.0667 0.0816 -0.0038 -0.0194 -0.0033 22  ARG A O   
161 C CB  . ARG A 22 ? 0.0994 0.0877 0.1001 0.0433  0.0384  0.0212  22  ARG A CB  
162 C CG  . ARG A 22 ? 0.1054 0.1176 0.0954 0.0224  0.0214  0.0313  22  ARG A CG  
163 C CD  . ARG A 22 ? 0.1223 0.1420 0.1317 0.0003  0.0278  0.0326  22  ARG A CD  
164 N NE  . ARG A 22 ? 0.1283 0.1639 0.1247 -0.0244 0.0355  0.0373  22  ARG A NE  
165 C CZ  . ARG A 22 ? 0.1260 0.1877 0.1678 0.0017  0.0349  0.0649  22  ARG A CZ  
166 N NH1 . ARG A 22 ? 0.1379 0.2255 0.2387 0.0603  0.0518  0.0517  22  ARG A NH1 
167 N NH2 . ARG A 22 ? 0.1301 0.2671 0.2453 0.0326  0.0745  0.0569  22  ARG A NH2 
168 N N   . ILE A 23 ? 0.0894 0.0615 0.0493 0.0084  0.0048  0.0198  23  ILE A N   
169 C CA  . ILE A 23 ? 0.0823 0.0502 0.0535 -0.0068 -0.0067 -0.0026 23  ILE A CA  
170 C C   . ILE A 23 ? 0.0600 0.0386 0.0765 0.0166  -0.0045 0.0143  23  ILE A C   
171 O O   . ILE A 23 ? 0.0877 0.0688 0.1034 0.0277  -0.0118 -0.0059 23  ILE A O   
172 C CB  . ILE A 23 ? 0.0566 0.0725 0.0488 0.0081  -0.0061 0.0075  23  ILE A CB  
173 C CG1 . ILE A 23 ? 0.0785 0.0616 0.0685 -0.0042 0.0330  -0.0179 23  ILE A CG1 
174 C CG2 . ILE A 23 ? 0.0794 0.0642 0.0712 0.0259  -0.0016 0.0004  23  ILE A CG2 
175 C CD1 . ILE A 23 ? 0.0780 0.0694 0.0789 -0.0026 -0.0198 -0.0233 23  ILE A CD1 
176 N N   . GLN A 24 ? 0.0523 0.0406 0.0844 -0.0105 0.0044  0.0019  24  GLN A N   
177 C CA  . GLN A 24 ? 0.1023 0.0343 0.0778 0.0053  0.0060  -0.0073 24  GLN A CA  
178 C C   . GLN A 24 ? 0.1078 0.0282 0.0781 -0.0007 0.0196  0.0114  24  GLN A C   
179 O O   . GLN A 24 ? 0.2173 0.0692 0.1315 -0.0356 0.0528  -0.0090 24  GLN A O   
180 C CB  . GLN A 24 ? 0.0876 0.0560 0.0762 -0.0053 -0.0225 -0.0035 24  GLN A CB  
181 C CG  . GLN A 24 ? 0.1494 0.1168 0.1099 -0.0086 -0.0199 -0.0207 24  GLN A CG  
182 C CD  . GLN A 24 ? 0.1463 0.1009 0.1228 -0.0170 -0.0025 -0.0191 24  GLN A CD  
183 O OE1 . GLN A 24 ? 0.2028 0.1678 0.1910 -0.0587 0.0104  0.0015  24  GLN A OE1 
184 N NE2 . GLN A 24 ? 0.1771 0.1052 0.1497 -0.0126 0.0587  -0.0440 24  GLN A NE2 
185 N N   . GLY A 25 ? 0.1118 0.0626 0.0817 0.0089  0.0385  0.0009  25  GLY A N   
186 C CA  . GLY A 25 ? 0.1167 0.0436 0.0941 0.0185  0.0513  -0.0018 25  GLY A CA  
187 C C   . GLY A 25 ? 0.0830 0.0467 0.0995 0.0168  0.0249  0.0025  25  GLY A C   
188 O O   . GLY A 25 ? 0.0667 0.0470 0.0840 0.0132  0.0106  0.0039  25  GLY A O   
189 N N   . THR A 26 ? 0.1127 0.0649 0.0823 -0.0017 0.0427  -0.0038 26  THR A N   
190 C CA  . THR A 26 ? 0.0942 0.0653 0.0948 0.0085  0.0226  -0.0095 26  THR A CA  
191 C C   . THR A 26 ? 0.0819 0.0672 0.1040 -0.0075 0.0057  -0.0164 26  THR A C   
192 O O   . THR A 26 ? 0.1185 0.0954 0.1219 -0.0233 0.0244  -0.0417 26  THR A O   
193 C CB  . THR A 26 ? 0.1066 0.0879 0.0986 -0.0201 0.0231  0.0131  26  THR A CB  
194 O OG1 . THR A 26 ? 0.1453 0.1379 0.0801 -0.0238 0.0359  0.0192  26  THR A OG1 
195 C CG2 . THR A 26 ? 0.0989 0.1342 0.1265 -0.0013 0.0059  0.0193  26  THR A CG2 
196 N N   . CYS A 27 ? 0.0810 0.0474 0.1294 -0.0067 0.0174  -0.0353 27  CYS A N   
197 C CA  . CYS A 27 ? 0.0593 0.0696 0.0820 0.0272  0.0124  -0.0187 27  CYS A CA  
198 C C   . CYS A 27 ? 0.0788 0.0767 0.0829 0.0157  0.0045  -0.0194 27  CYS A C   
199 O O   . CYS A 27 ? 0.0834 0.0669 0.0911 -0.0046 0.0046  -0.0222 27  CYS A O   
200 C CB  . CYS A 27 ? 0.1396 0.1131 0.0719 0.0156  -0.0050 -0.0155 27  CYS A CB  
201 S SG  . CYS A 27 ? 0.0973 0.1127 0.1091 0.0010  -0.0003 -0.0210 27  CYS A SG  
202 N N   . TYR A 28 ? 0.0653 0.0724 0.0747 0.0020  0.0260  -0.0026 28  TYR A N   
203 C CA  . TYR A 28 ? 0.1032 0.0568 0.0758 0.0120  0.0054  -0.0154 28  TYR A CA  
204 C C   . TYR A 28 ? 0.0774 0.0731 0.0914 0.0040  0.0147  -0.0028 28  TYR A C   
205 O O   . TYR A 28 ? 0.0786 0.0835 0.0827 0.0211  0.0067  -0.0170 28  TYR A O   
206 C CB  . TYR A 28 ? 0.0972 0.0643 0.0806 0.0171  -0.0089 -0.0132 28  TYR A CB  
207 C CG  . TYR A 28 ? 0.0843 0.0420 0.0690 0.0204  0.0048  -0.0159 28  TYR A CG  
208 C CD1 . TYR A 28 ? 0.1038 0.0572 0.0802 0.0298  0.0056  0.0111  28  TYR A CD1 
209 C CD2 . TYR A 28 ? 0.0812 0.0781 0.1147 0.0214  -0.0134 -0.0190 28  TYR A CD2 
210 C CE1 . TYR A 28 ? 0.1048 0.0841 0.0869 0.0483  0.0101  -0.0297 28  TYR A CE1 
211 C CE2 . TYR A 28 ? 0.0973 0.0641 0.0983 0.0171  -0.0090 -0.0246 28  TYR A CE2 
212 C CZ  . TYR A 28 ? 0.0710 0.0981 0.0766 0.0235  -0.0170 -0.0160 28  TYR A CZ  
213 O OH  . TYR A 28 ? 0.1137 0.0794 0.1085 0.0211  -0.0159 -0.0088 28  TYR A OH  
214 N N   . ARG A 29 ? 0.1126 0.0673 0.1046 0.0167  0.0157  0.0226  29  ARG A N   
215 C CA  . ARG A 29 ? 0.1226 0.1073 0.0952 0.0222  0.0122  -0.0006 29  ARG A CA  
216 C C   . ARG A 29 ? 0.1316 0.0991 0.0926 0.0041  0.0020  0.0262  29  ARG A C   
217 O O   . ARG A 29 ? 0.1589 0.1417 0.0929 -0.0099 -0.0075 0.0140  29  ARG A O   
218 C CB  . ARG A 29 ? 0.1539 0.1734 0.1138 0.0191  0.0027  -0.0153 29  ARG A CB  
219 C CG  . ARG A 29 ? 0.1709 0.1721 0.1694 0.0157  0.0386  -0.0090 29  ARG A CG  
220 C CD  . ARG A 29 ? 0.2627 0.2376 0.2268 -0.0230 0.0044  0.0042  29  ARG A CD  
221 N NE  . ARG A 29 ? 0.2952 0.2691 0.2006 -0.0177 0.0310  0.0058  29  ARG A NE  
222 C CZ  . ARG A 29 ? 0.3249 0.2872 0.0955 -0.0541 0.0436  0.0198  29  ARG A CZ  
223 N NH1 . ARG A 29 ? 0.2977 0.2840 0.2498 -0.0275 0.0347  -0.0124 29  ARG A NH1 
224 N NH2 . ARG A 29 ? 0.3361 0.2964 0.1471 -0.0707 0.0671  0.0307  29  ARG A NH2 
225 N N   . GLY A 30 ? 0.1270 0.1055 0.1049 0.0287  0.0070  0.0122  30  GLY A N   
226 C CA  . GLY A 30 ? 0.1292 0.0837 0.1116 0.0255  -0.0016 0.0137  30  GLY A CA  
227 C C   . GLY A 30 ? 0.1194 0.1019 0.1156 0.0167  -0.0027 0.0042  30  GLY A C   
228 O O   . GLY A 30 ? 0.1260 0.1169 0.1865 0.0327  0.0210  0.0179  30  GLY A O   
229 N N   . ARG A 31 ? 0.1322 0.0679 0.0746 0.0199  -0.0042 0.0153  31  ARG A N   
230 C CA  . ARG A 31 ? 0.1017 0.0900 0.0589 0.0131  -0.0042 0.0109  31  ARG A CA  
231 C C   . ARG A 31 ? 0.1080 0.0858 0.0613 0.0013  0.0087  0.0065  31  ARG A C   
232 O O   . ARG A 31 ? 0.1102 0.1168 0.0854 -0.0133 0.0028  0.0062  31  ARG A O   
233 C CB  . ARG A 31 ? 0.1186 0.1053 0.0481 0.0422  -0.0017 0.0146  31  ARG A CB  
234 C CG  . ARG A 31 ? 0.1468 0.0875 0.0489 0.0419  0.0133  -0.0023 31  ARG A CG  
235 C CD  . ARG A 31 ? 0.1418 0.0923 0.0625 0.0435  0.0067  -0.0282 31  ARG A CD  
236 N NE  . ARG A 31 ? 0.1636 0.0792 0.0612 0.0256  0.0194  0.0105  31  ARG A NE  
237 C CZ  . ARG A 31 ? 0.1526 0.1083 0.1055 0.0119  0.0074  -0.0032 31  ARG A CZ  
238 N NH1 . ARG A 31 ? 0.1477 0.1162 0.1158 0.0236  -0.0082 -0.0320 31  ARG A NH1 
239 N NH2 . ARG A 31 ? 0.1735 0.1092 0.1011 0.0257  -0.0054 0.0118  31  ARG A NH2 
240 N N   . ALA A 32 ? 0.0762 0.0563 0.0480 0.0201  0.0068  -0.0131 32  ALA A N   
241 C CA  . ALA A 32 ? 0.0642 0.0484 0.0535 0.0120  0.0204  -0.0121 32  ALA A CA  
242 C C   . ALA A 32 ? 0.0460 0.0414 0.0572 0.0036  -0.0052 -0.0132 32  ALA A C   
243 O O   . ALA A 32 ? 0.0687 0.0442 0.0762 0.0039  -0.0040 -0.0105 32  ALA A O   
244 C CB  . ALA A 32 ? 0.0658 0.0686 0.0577 0.0089  0.0083  -0.0073 32  ALA A CB  
245 N N   . ARG A 33 ? 0.0594 0.0616 0.0462 0.0086  0.0031  -0.0214 33  ARG A N   
246 C CA  . ARG A 33 ? 0.0598 0.0765 0.0427 0.0129  -0.0042 -0.0199 33  ARG A CA  
247 C C   . ARG A 33 ? 0.0436 0.0343 0.0592 0.0125  0.0003  -0.0043 33  ARG A C   
248 O O   . ARG A 33 ? 0.0650 0.0543 0.0842 0.0251  -0.0058 -0.0079 33  ARG A O   
249 C CB  . ARG A 33 ? 0.0497 0.0456 0.1072 0.0133  0.0031  -0.0028 33  ARG A CB  
250 C CG  . ARG A 33 ? 0.0701 0.0679 0.1097 -0.0005 0.0066  -0.0062 33  ARG A CG  
251 C CD  . ARG A 33 ? 0.0719 0.1174 0.0756 0.0034  -0.0034 -0.0123 33  ARG A CD  
252 N NE  . ARG A 33 ? 0.0527 0.0875 0.0611 0.0039  0.0075  -0.0119 33  ARG A NE  
253 C CZ  . ARG A 33 ? 0.0959 0.0480 0.0834 0.0219  -0.0230 -0.0029 33  ARG A CZ  
254 N NH1 . ARG A 33 ? 0.0909 0.0813 0.1208 0.0516  -0.0136 -0.0056 33  ARG A NH1 
255 N NH2 . ARG A 33 ? 0.0996 0.0907 0.0567 0.0220  -0.0371 0.0095  33  ARG A NH2 
256 N N   . CYS A 34 ? 0.0578 0.0407 0.0514 -0.0071 -0.0037 -0.0179 34  CYS A N   
257 C CA  . CYS A 34 ? 0.0847 0.0486 0.0451 -0.0090 0.0142  -0.0098 34  CYS A CA  
258 C C   . CYS A 34 ? 0.0627 0.0574 0.0401 0.0053  0.0074  -0.0029 34  CYS A C   
259 O O   . CYS A 34 ? 0.0702 0.0702 0.0823 0.0332  0.0255  0.0077  34  CYS A O   
260 C CB  . CYS A 34 ? 0.0931 0.0541 0.0745 -0.0250 -0.0094 -0.0214 34  CYS A CB  
261 S SG  . CYS A 34 ? 0.1066 0.0907 0.0950 -0.0220 -0.0060 -0.0192 34  CYS A SG  
262 N N   . CYS A 35 ? 0.0671 0.0471 0.0542 0.0032  0.0083  0.0089  35  CYS A N   
263 C CA  . CYS A 35 ? 0.0726 0.0665 0.0546 0.0069  0.0224  -0.0016 35  CYS A CA  
264 C C   . CYS A 35 ? 0.0726 0.0591 0.0807 0.0134  0.0036  0.0134  35  CYS A C   
265 O O   . CYS A 35 ? 0.0504 0.0836 0.0821 0.0148  0.0037  0.0080  35  CYS A O   
266 C CB  . CYS A 35 ? 0.0919 0.0678 0.0796 -0.0103 -0.0158 -0.0123 35  CYS A CB  
267 S SG  . CYS A 35 ? 0.1000 0.0906 0.0801 -0.0199 0.0065  -0.0042 35  CYS A SG  
268 N N   . ARG A 36 ? 0.0806 0.0973 0.0776 0.0030  0.0071  -0.0023 36  ARG A N   
269 C CA  . ARG A 36 ? 0.0963 0.1005 0.0907 -0.0048 0.0045  -0.0153 36  ARG A CA  
270 C C   . ARG A 36 ? 0.1085 0.1226 0.1146 -0.0132 -0.0148 -0.0069 36  ARG A C   
271 O O   . ARG A 36 ? 0.1153 0.1482 0.1320 -0.0014 -0.0172 0.0019  36  ARG A O   
272 C CB  . ARG A 36 ? 0.1004 0.1251 0.1399 -0.0215 -0.0126 -0.0182 36  ARG A CB  
273 C CG  . ARG A 36 ? 0.1413 0.1396 0.1412 0.0012  -0.0113 -0.0381 36  ARG A CG  
274 C CD  . ARG A 36 ? 0.1527 0.1636 0.1859 -0.0220 -0.0271 -0.0248 36  ARG A CD  
275 N NE  . ARG A 36 ? 0.2036 0.2644 0.3036 -0.0022 -0.0187 -0.0463 36  ARG A NE  
276 C CZ  . ARG A 36 ? 0.3782 0.3642 0.3967 0.0163  -0.0255 -0.0366 36  ARG A CZ  
277 N NH1 . ARG A 36 ? 0.4406 0.4494 0.4650 -0.0074 -0.0308 -0.0201 36  ARG A NH1 
278 N NH2 . ARG A 36 ? 0.4003 0.3613 0.3886 0.0361  -0.0121 0.0027  36  ARG A NH2 
279 O OXT . ARG A 36 ? 0.1132 0.1227 0.1252 -0.0101 -0.0269 -0.0033 36  ARG A OXT 
280 S S   . SO4 B .  ? 0.1754 0.1283 0.1978 0.0025  0.0299  0.0015  91  SO4 A S   
281 O O1  . SO4 B .  ? 0.2148 0.2251 0.3611 0.0358  0.0276  0.0212  91  SO4 A O1  
282 O O2  . SO4 B .  ? 0.3090 0.1878 0.2724 -0.0216 0.0008  -0.0275 91  SO4 A O2  
283 O O3  . SO4 B .  ? 0.2006 0.1067 0.2126 0.0140  0.0573  0.0215  91  SO4 A O3  
284 O O4  . SO4 B .  ? 0.2736 0.1457 0.2036 -0.0117 0.0510  0.0152  91  SO4 A O4  
285 S S   . SO4 C .  ? 0.2863 0.2628 0.1443 -0.1544 -0.0071 0.0096  92  SO4 A S   
286 O O1  . SO4 C .  ? 0.2317 0.3182 0.2703 -0.1029 0.0029  0.0176  92  SO4 A O1  
287 O O2  . SO4 C .  ? 0.1989 0.2632 0.1350 -0.0761 -0.0368 0.0204  92  SO4 A O2  
288 O O3  . SO4 C .  ? 0.2351 0.2500 0.1459 -0.1384 0.0068  0.0066  92  SO4 A O3  
289 O O4  . SO4 C .  ? 0.1599 0.1516 0.0913 -0.0791 -0.0174 -0.0101 92  SO4 A O4  
290 S S   . SO4 D .  ? 0.1901 0.2028 0.2045 0.0068  -0.0211 0.0291  93  SO4 A S   
291 O O1  . SO4 D .  ? 0.2158 0.3540 0.1851 -0.0391 -0.0061 0.0554  93  SO4 A O1  
292 O O2  . SO4 D .  ? 0.1618 0.2522 0.2513 0.0487  -0.0405 0.0464  93  SO4 A O2  
293 O O3  . SO4 D .  ? 0.2336 0.2589 0.1795 -0.0143 -0.0380 0.0402  93  SO4 A O3  
294 O O4  . SO4 D .  ? 0.3424 0.1942 0.3351 0.0262  0.0141  0.0017  93  SO4 A O4  
295 S S   . SO4 E .  ? 0.1808 0.2646 0.2174 0.0413  0.0415  0.0408  94  SO4 A S   
296 O O1  . SO4 E .  ? 0.1852 0.3041 0.2743 0.0389  0.0073  0.0396  94  SO4 A O1  
297 O O2  . SO4 E .  ? 0.2802 0.3286 0.2730 0.0442  0.0473  0.0734  94  SO4 A O2  
298 O O3  . SO4 E .  ? 0.2576 0.3281 0.3185 0.0538  0.0717  0.0382  94  SO4 A O3  
299 O O4  . SO4 E .  ? 0.3107 0.3377 0.4367 0.0476  0.0040  -0.0382 94  SO4 A O4  
300 O O   . HOH F .  ? 0.0943 0.1250 0.0789 0.0009  -0.0064 0.0078  95  HOH A O   
301 O O   . HOH F .  ? 0.0918 0.1500 0.1137 -0.0067 -0.0161 0.0224  96  HOH A O   
302 O O   . HOH F .  ? 0.0980 0.1219 0.1257 -0.0356 -0.0027 -0.0201 97  HOH A O   
303 O O   . HOH F .  ? 0.1943 0.1293 0.1436 0.0144  -0.0268 -0.0412 98  HOH A O   
304 O O   . HOH F .  ? 0.1308 0.1164 0.0868 -0.0160 -0.0032 0.0108  99  HOH A O   
305 O O   . HOH F .  ? 0.2127 0.1535 0.1753 -0.0681 0.0809  -0.0591 100 HOH A O   
306 O O   . HOH F .  ? 0.1472 0.1433 0.1174 0.0431  -0.0080 0.0097  101 HOH A O   
307 O O   . HOH F .  ? 0.1375 0.2506 0.1226 -0.0014 0.0154  0.0014  102 HOH A O   
308 O O   . HOH F .  ? 0.2255 0.1615 0.1477 0.0478  -0.0085 -0.0113 103 HOH A O   
309 O O   . HOH F .  ? 0.1433 0.2120 0.1054 -0.0550 -0.0063 0.0351  104 HOH A O   
310 O O   . HOH F .  ? 0.1213 0.1513 0.1365 0.0222  -0.0574 -0.0003 105 HOH A O   
311 O O   . HOH F .  ? 0.0608 0.1080 0.1795 0.0100  0.0088  -0.0213 106 HOH A O   
312 O O   . HOH F .  ? 0.1610 0.1146 0.1658 0.0098  -0.0018 -0.0128 107 HOH A O   
313 O O   . HOH F .  ? 0.1336 0.1781 0.2170 -0.0109 -0.0594 -0.0015 108 HOH A O   
314 O O   . HOH F .  ? 0.2498 0.1311 0.1853 0.0024  0.0600  0.0088  109 HOH A O   
315 O O   . HOH F .  ? 0.2078 0.1903 0.1903 -0.0013 -0.0085 0.0468  110 HOH A O   
316 O O   . HOH F .  ? 0.3134 0.1184 0.1597 0.0087  0.0219  -0.0218 111 HOH A O   
317 O O   . HOH F .  ? 0.1585 0.2903 0.2537 0.0315  0.0423  0.1033  112 HOH A O   
318 O O   . HOH F .  ? 0.1908 0.1403 0.1341 -0.0241 0.0056  0.0022  113 HOH A O   
319 O O   . HOH F .  ? 0.1497 0.1954 0.1909 -0.0471 0.0062  -0.0637 114 HOH A O   
320 O O   . HOH F .  ? 0.1889 0.3105 0.0978 0.0698  0.0423  0.0288  115 HOH A O   
321 O O   . HOH F .  ? 0.1983 0.1226 0.0989 -0.0031 0.0028  -0.0054 116 HOH A O   
322 O O   . HOH F .  ? 0.2023 0.1703 0.2331 0.0118  0.0055  -0.0203 117 HOH A O   
323 O O   . HOH F .  ? 0.2697 0.4738 0.2640 0.0125  -0.0057 0.0147  118 HOH A O   
324 O O   . HOH F .  ? 0.1867 0.2656 0.3379 -0.0575 0.0763  -0.1498 119 HOH A O   
325 O O   . HOH F .  ? 0.2467 0.1378 0.4012 -0.1139 -0.0254 -0.0631 120 HOH A O   
326 O O   . HOH F .  ? 0.2367 0.3173 0.4171 0.0074  0.0572  0.0734  121 HOH A O   
327 O O   . HOH F .  ? 0.3250 0.2003 0.3743 0.0927  -0.0187 -0.0069 122 HOH A O   
328 O O   . HOH F .  ? 0.3214 0.3043 0.2417 0.0283  -0.0479 0.0411  123 HOH A O   
329 O O   . HOH F .  ? 0.4452 0.2424 0.4137 0.0618  0.0227  -0.0022 124 HOH A O   
330 O O   . HOH F .  ? 0.3738 0.3606 0.3363 0.0230  -0.0142 0.0347  125 HOH A O   
331 O O   . HOH F .  ? 0.1762 0.2202 0.1998 -0.0212 -0.0239 -0.0819 126 HOH A O   
332 O O   . HOH F .  ? 0.4158 0.3966 0.4389 -0.0984 0.0116  -0.0465 127 HOH A O   
333 O O   . HOH F .  ? 0.3134 0.3469 0.3574 -0.0099 -0.0799 0.0073  128 HOH A O   
334 O O   . HOH F .  ? 0.3755 0.2945 0.3012 -0.0228 0.0184  0.0328  129 HOH A O   
335 O O   . HOH F .  ? 0.3249 0.3572 0.3765 0.0655  -0.0052 -0.0521 130 HOH A O   
336 O O   . HOH F .  ? 0.3634 0.3695 0.2452 0.0188  0.0720  0.0040  131 HOH A O   
337 O O   . HOH F .  ? 0.3427 0.2986 0.2903 0.0479  0.0541  0.0076  132 HOH A O   
338 O O   . HOH F .  ? 0.4671 0.2829 0.2826 -0.0335 0.0192  0.0233  133 HOH A O   
339 O O   . HOH F .  ? 0.2558 0.3699 0.3347 0.0387  0.0343  -0.0012 134 HOH A O   
340 O O   . HOH F .  ? 0.2786 0.3102 0.2867 -0.0017 0.0418  -0.0956 135 HOH A O   
341 O O   . HOH F .  ? 0.3029 0.2798 0.2093 0.0405  -0.0266 0.0283  136 HOH A O   
342 O O   . HOH F .  ? 0.3866 0.2929 0.3044 0.0835  -0.0074 0.0313  137 HOH A O   
343 O O   . HOH F .  ? 0.3920 0.3003 0.3513 0.0613  0.0724  -0.0763 138 HOH A O   
344 O O   . HOH F .  ? 0.4946 0.4608 0.4213 -0.0210 -0.0503 0.0186  139 HOH A O   
345 O O   . HOH F .  ? 0.1053 0.1018 0.1593 0.0146  0.0152  0.0215  140 HOH A O   
346 O O   . HOH F .  ? 0.3208 0.3777 0.3875 0.0763  -0.0117 -0.0707 141 HOH A O   
347 O O   . HOH F .  ? 0.3105 0.4023 0.3681 0.0253  0.0875  -0.0065 142 HOH A O   
348 O O   . HOH F .  ? 0.3510 0.4440 0.3413 -0.1200 0.0040  0.0894  143 HOH A O   
349 O O   . HOH F .  ? 0.4509 0.3095 0.3922 0.0227  -0.0270 -0.0515 144 HOH A O   
350 O O   . HOH F .  ? 0.3026 0.2012 0.2544 -0.0124 0.0192  0.0486  145 HOH A O   
351 O O   . HOH F .  ? 0.2718 0.3214 0.2467 0.0724  0.0225  -0.0199 146 HOH A O   
352 O O   . HOH F .  ? 0.3531 0.4273 0.3486 0.0195  -0.0062 0.0265  147 HOH A O   
353 O O   . HOH F .  ? 0.4541 0.4434 0.3739 -0.0325 -0.0081 0.0049  148 HOH A O   
354 O O   . HOH F .  ? 0.5003 0.4659 0.5288 -0.0655 -0.0270 -0.0041 149 HOH A O   
355 O O   . HOH F .  ? 0.4080 0.4036 0.4413 0.0718  0.0029  -0.0319 150 HOH A O   
356 O O   . HOH F .  ? 0.4682 0.4809 0.4691 0.0124  0.0222  0.0011  151 HOH A O   
357 O O   . HOH F .  ? 0.5578 0.4444 0.5540 0.0019  0.0388  -0.0518 152 HOH A O   
358 O O   . HOH F .  ? 0.4444 0.3586 0.3995 -0.0259 0.0142  0.0181  153 HOH A O   
359 O O   . HOH F .  ? 0.3341 0.3397 0.3437 -0.0271 -0.0259 -0.0287 154 HOH A O   
360 O O   . HOH F .  ? 0.3449 0.3212 0.3350 -0.0022 -0.0369 -0.0346 155 HOH A O   
361 O O   . HOH F .  ? 0.5086 0.4597 0.4650 0.0325  0.0103  -0.0387 156 HOH A O   
362 O O   . HOH F .  ? 0.4926 0.4008 0.3727 0.0507  -0.0275 -0.0228 157 HOH A O   
363 O O   . HOH F .  ? 0.3600 0.3816 0.4507 0.0460  -0.0352 0.0022  158 HOH A O   
364 O O   . HOH F .  ? 0.7676 0.7877 0.7624 -0.0017 -0.0037 -0.0124 159 HOH A O   
365 O O   . HOH F .  ? 0.3950 0.3606 0.4638 0.0143  -0.0273 -0.0410 160 HOH A O   
366 O O   . HOH F .  ? 0.4872 0.5097 0.4551 0.0027  0.0058  -0.0124 161 HOH A O   
367 O O   . HOH F .  ? 0.5530 0.5417 0.5263 0.0007  0.0060  0.0175  162 HOH A O   
368 O O   . HOH F .  ? 0.3285 0.3407 0.4488 0.0320  -0.0533 -0.0401 163 HOH A O   
369 O O   . HOH F .  ? 0.4872 0.5105 0.5350 -0.0037 -0.0223 -0.0409 164 HOH A O   
370 O O   . HOH F .  ? 0.4417 0.5195 0.3750 0.0008  0.0151  0.0043  165 HOH A O   
371 O O   . HOH F .  ? 0.4425 0.2607 0.4744 0.0278  -0.0304 0.0447  166 HOH A O   
372 O O   . HOH F .  ? 0.7142 0.6782 0.6837 0.0164  0.0109  0.0078  167 HOH A O   
373 O O   . HOH F .  ? 0.4987 0.4827 0.5209 -0.0063 0.0551  0.0107  168 HOH A O   
374 O O   . HOH F .  ? 0.5185 0.5035 0.4965 0.0403  -0.0418 0.0226  169 HOH A O   
375 O O   . HOH F .  ? 0.6475 0.6451 0.6582 -0.0182 -0.0051 -0.0083 170 HOH A O   
376 O O   . HOH F .  ? 0.5106 0.5067 0.4763 -0.0509 0.0295  0.0227  171 HOH A O   
377 O O   . HOH F .  ? 0.8308 0.8207 0.8352 0.0017  -0.0057 -0.0061 172 HOH A O   
378 O O   . HOH F .  ? 0.5801 0.5274 0.5814 -0.0010 0.0130  -0.0198 173 HOH A O   
379 O O   . HOH F .  ? 0.5223 0.4978 0.4884 0.0148  -0.0133 0.0394  174 HOH A O   
380 O O   . HOH F .  ? 0.4471 0.4777 0.4443 -0.0239 -0.0338 -0.0591 175 HOH A O   
# 
